data_9DVZ
#
_entry.id   9DVZ
#
_cell.length_a   47.535
_cell.length_b   66.284
_cell.length_c   207.527
_cell.angle_alpha   90.00
_cell.angle_beta   90.00
_cell.angle_gamma   90.00
#
_symmetry.space_group_name_H-M   'P 21 21 21'
#
loop_
_entity.id
_entity.type
_entity.pdbx_description
1 polymer Glucokinase
2 non-polymer beta-D-glucopyranose
3 non-polymer 'PHOSPHATE ION'
4 water water
#
_entity_poly.entity_id   1
_entity_poly.type   'polypeptide(L)'
_entity_poly.pdbx_seq_one_letter_code
;MTKYALVGDVGGTNARLALCDIASGEISQAKTYSGLDYPSLEAVIRVYLEEHKVEVKDGCIAIACPITGDWVAMTNHTWA
FSIAEMKKNLGFSHLEIINDFTAVSMAIPMLKKEHLIQFGGAEPVEGKPIAVYGAGTGLGVAHLVHVDKRWVSLPGEGGH
VDFAPNSEEEAIILEILRAEIGHVSAERVLSGPGLVNLYRAIVKADNRLPENLKPKDITERALADSCTDCRRALSLFCVI
MGRFGGNLALNLGTFGGVFIAGGIVPRFLEFFKASGFRAAFEDKGRFKEYVHDIPVYLIVHDNPGLLGSGAHLRQTLGHI
LHHHHHH
;
_entity_poly.pdbx_strand_id   A,B
#
loop_
_chem_comp.id
_chem_comp.type
_chem_comp.name
_chem_comp.formula
BGC D-saccharide, beta linking beta-D-glucopyranose 'C6 H12 O6'
PO4 non-polymer 'PHOSPHATE ION' 'O4 P -3'
#
# COMPACT_ATOMS: atom_id res chain seq x y z
N LYS A 3 14.41 34.96 4.89
CA LYS A 3 14.52 34.48 6.25
C LYS A 3 13.31 33.64 6.65
N TYR A 4 12.13 34.07 6.20
CA TYR A 4 10.88 33.38 6.49
C TYR A 4 10.23 32.89 5.20
N ALA A 5 9.47 31.82 5.32
CA ALA A 5 8.56 31.36 4.28
C ALA A 5 7.23 31.01 4.91
N LEU A 6 6.19 31.02 4.08
CA LEU A 6 4.84 30.78 4.55
C LEU A 6 4.51 29.29 4.47
N VAL A 7 3.93 28.75 5.53
CA VAL A 7 3.46 27.37 5.56
C VAL A 7 1.98 27.37 5.92
N GLY A 8 1.23 26.47 5.33
CA GLY A 8 -0.20 26.39 5.56
C GLY A 8 -0.68 24.97 5.62
N ASP A 9 -1.81 24.78 6.31
CA ASP A 9 -2.45 23.48 6.46
C ASP A 9 -3.95 23.72 6.37
N VAL A 10 -4.54 23.41 5.21
CA VAL A 10 -5.92 23.76 4.91
C VAL A 10 -6.72 22.47 4.81
N GLY A 11 -7.82 22.40 5.55
CA GLY A 11 -8.71 21.25 5.45
C GLY A 11 -10.13 21.55 5.86
N GLY A 12 -11.09 21.19 5.01
CA GLY A 12 -12.50 21.38 5.32
C GLY A 12 -12.91 22.83 5.44
N THR A 13 -13.22 23.25 6.67
CA THR A 13 -13.66 24.61 6.95
C THR A 13 -12.55 25.54 7.39
N ASN A 14 -11.47 25.00 7.96
CA ASN A 14 -10.43 25.81 8.56
C ASN A 14 -9.26 26.02 7.58
N ALA A 15 -8.47 27.05 7.86
CA ALA A 15 -7.27 27.36 7.10
C ALA A 15 -6.23 27.89 8.07
N ARG A 16 -5.21 27.08 8.37
CA ARG A 16 -4.16 27.44 9.30
C ARG A 16 -2.93 27.91 8.52
N LEU A 17 -2.47 29.12 8.83
CA LEU A 17 -1.29 29.69 8.22
C LEU A 17 -0.26 29.96 9.32
N ALA A 18 1.01 29.92 8.95
CA ALA A 18 2.09 30.16 9.90
C ALA A 18 3.34 30.57 9.14
N LEU A 19 4.38 30.94 9.88
CA LEU A 19 5.67 31.29 9.33
C LEU A 19 6.68 30.20 9.63
N CYS A 20 7.67 30.05 8.75
CA CYS A 20 8.68 29.02 8.88
C CYS A 20 10.06 29.61 8.74
N ASP A 21 10.92 29.34 9.72
CA ASP A 21 12.32 29.76 9.66
C ASP A 21 13.06 28.91 8.65
N ILE A 22 13.64 29.55 7.63
CA ILE A 22 14.34 28.82 6.57
C ILE A 22 15.62 28.17 7.08
N ALA A 23 16.32 28.83 8.02
CA ALA A 23 17.56 28.27 8.54
C ALA A 23 17.31 27.06 9.42
N SER A 24 16.24 27.09 10.22
CA SER A 24 16.01 26.11 11.27
C SER A 24 14.81 25.21 11.04
N GLY A 25 13.77 25.70 10.34
CA GLY A 25 12.54 24.93 10.21
C GLY A 25 11.56 25.12 11.34
N GLU A 26 11.79 26.09 12.22
CA GLU A 26 10.88 26.36 13.33
C GLU A 26 9.62 27.05 12.84
N ILE A 27 8.51 26.75 13.52
CA ILE A 27 7.20 27.28 13.19
C ILE A 27 6.81 28.31 14.25
N SER A 28 6.17 29.39 13.81
CA SER A 28 5.77 30.45 14.73
C SER A 28 4.64 31.26 14.11
N GLN A 29 3.96 32.04 14.96
CA GLN A 29 2.98 33.03 14.52
C GLN A 29 1.81 32.38 13.78
N ALA A 30 1.43 31.18 14.20
CA ALA A 30 0.34 30.46 13.56
C ALA A 30 -1.00 31.04 13.94
N LYS A 31 -1.94 31.05 12.97
CA LYS A 31 -3.29 31.53 13.20
C LYS A 31 -4.26 30.70 12.39
N THR A 32 -5.42 30.40 12.98
CA THR A 32 -6.46 29.60 12.33
C THR A 32 -7.54 30.53 11.80
N TYR A 33 -7.56 30.71 10.48
CA TYR A 33 -8.62 31.46 9.82
C TYR A 33 -9.80 30.55 9.51
N SER A 34 -10.90 31.15 9.08
CA SER A 34 -12.09 30.42 8.67
C SER A 34 -12.27 30.54 7.17
N GLY A 35 -12.48 29.39 6.51
CA GLY A 35 -12.70 29.41 5.08
C GLY A 35 -14.04 29.96 4.66
N LEU A 36 -15.01 30.02 5.59
CA LEU A 36 -16.33 30.53 5.25
C LEU A 36 -16.33 32.05 5.10
N ASP A 37 -15.44 32.73 5.81
CA ASP A 37 -15.43 34.19 5.86
C ASP A 37 -14.52 34.82 4.80
N TYR A 38 -13.94 34.02 3.92
CA TYR A 38 -13.07 34.53 2.86
C TYR A 38 -13.44 33.85 1.55
N PRO A 39 -13.28 34.56 0.42
CA PRO A 39 -13.69 33.98 -0.87
C PRO A 39 -12.67 33.05 -1.48
N SER A 40 -11.41 33.09 -1.08
CA SER A 40 -10.40 32.24 -1.67
C SER A 40 -9.23 32.08 -0.70
N LEU A 41 -8.43 31.04 -0.94
CA LEU A 41 -7.21 30.86 -0.17
C LEU A 41 -6.22 31.99 -0.42
N GLU A 42 -6.25 32.58 -1.61
CA GLU A 42 -5.41 33.75 -1.89
C GLU A 42 -5.76 34.91 -0.97
N ALA A 43 -7.05 35.12 -0.72
CA ALA A 43 -7.46 36.20 0.17
C ALA A 43 -6.92 35.98 1.58
N VAL A 44 -6.95 34.74 2.06
CA VAL A 44 -6.43 34.43 3.40
C VAL A 44 -4.94 34.71 3.47
N ILE A 45 -4.19 34.28 2.45
CA ILE A 45 -2.75 34.51 2.42
C ILE A 45 -2.45 36.00 2.34
N ARG A 46 -3.20 36.73 1.50
CA ARG A 46 -3.02 38.18 1.42
C ARG A 46 -3.36 38.84 2.75
N VAL A 47 -4.40 38.35 3.42
CA VAL A 47 -4.78 38.91 4.72
C VAL A 47 -3.71 38.59 5.77
N TYR A 48 -3.27 37.33 5.82
CA TYR A 48 -2.30 36.93 6.83
C TYR A 48 -0.97 37.66 6.64
N LEU A 49 -0.55 37.84 5.39
CA LEU A 49 0.75 38.43 5.11
C LEU A 49 0.85 39.89 5.54
N GLU A 50 -0.27 40.55 5.84
CA GLU A 50 -0.24 41.96 6.23
C GLU A 50 -0.53 42.19 7.71
N GLU A 51 -1.23 41.28 8.39
CA GLU A 51 -1.36 41.42 9.83
C GLU A 51 -0.05 41.12 10.55
N HIS A 52 0.85 40.37 9.93
CA HIS A 52 2.11 40.00 10.52
C HIS A 52 3.29 40.76 9.95
N LYS A 53 3.08 41.52 8.87
CA LYS A 53 4.07 42.46 8.35
C LYS A 53 5.42 41.80 8.07
N VAL A 54 5.36 40.67 7.35
CA VAL A 54 6.54 39.91 6.97
C VAL A 54 6.58 39.80 5.46
N GLU A 55 7.76 40.00 4.89
CA GLU A 55 7.97 39.81 3.46
C GLU A 55 8.30 38.35 3.19
N VAL A 56 7.50 37.71 2.35
CA VAL A 56 7.64 36.28 2.10
C VAL A 56 7.62 36.05 0.60
N LYS A 57 8.57 35.23 0.12
CA LYS A 57 8.64 34.87 -1.29
C LYS A 57 8.34 33.40 -1.56
N ASP A 58 8.51 32.54 -0.56
CA ASP A 58 8.40 31.10 -0.72
C ASP A 58 7.28 30.59 0.19
N GLY A 59 6.58 29.56 -0.28
CA GLY A 59 5.44 29.04 0.45
C GLY A 59 5.20 27.58 0.18
N CYS A 60 4.60 26.90 1.16
CA CYS A 60 4.15 25.53 1.00
C CYS A 60 2.85 25.37 1.77
N ILE A 61 1.78 25.02 1.06
CA ILE A 61 0.45 24.86 1.65
C ILE A 61 0.03 23.41 1.46
N ALA A 62 -0.39 22.78 2.56
CA ALA A 62 -0.92 21.43 2.54
C ALA A 62 -2.45 21.49 2.57
N ILE A 63 -3.09 20.74 1.68
CA ILE A 63 -4.55 20.77 1.53
C ILE A 63 -5.06 19.33 1.51
N ALA A 64 -6.17 19.10 2.21
CA ALA A 64 -6.74 17.76 2.37
C ALA A 64 -7.60 17.41 1.16
N CYS A 65 -6.92 17.17 0.05
CA CYS A 65 -7.55 16.67 -1.18
C CYS A 65 -6.44 16.15 -2.09
N PRO A 66 -6.78 15.36 -3.11
CA PRO A 66 -5.74 14.87 -4.02
C PRO A 66 -5.15 16.02 -4.82
N ILE A 67 -3.81 16.05 -4.89
CA ILE A 67 -3.10 17.06 -5.67
C ILE A 67 -2.54 16.37 -6.91
N THR A 68 -3.30 16.41 -8.01
CA THR A 68 -2.93 15.73 -9.25
C THR A 68 -2.27 16.69 -10.24
N GLY A 69 -2.96 17.75 -10.61
CA GLY A 69 -2.42 18.71 -11.55
C GLY A 69 -2.51 20.14 -11.06
N ASP A 70 -2.46 21.10 -11.98
CA ASP A 70 -2.44 22.51 -11.59
C ASP A 70 -3.78 22.94 -11.01
N TRP A 71 -4.89 22.33 -11.43
CA TRP A 71 -6.21 22.70 -10.93
C TRP A 71 -6.48 21.92 -9.65
N VAL A 72 -6.76 22.65 -8.58
CA VAL A 72 -7.01 22.06 -7.26
C VAL A 72 -8.44 22.40 -6.85
N ALA A 73 -9.24 21.37 -6.56
CA ALA A 73 -10.59 21.53 -6.07
C ALA A 73 -10.75 20.70 -4.80
N MET A 74 -11.19 21.34 -3.72
CA MET A 74 -11.17 20.68 -2.41
C MET A 74 -12.30 19.67 -2.26
N THR A 75 -13.51 20.02 -2.69
CA THR A 75 -14.70 19.16 -2.67
C THR A 75 -15.20 18.99 -1.23
N ASN A 76 -14.42 19.45 -0.26
CA ASN A 76 -14.89 19.62 1.10
C ASN A 76 -15.07 21.10 1.44
N HIS A 77 -14.98 21.96 0.42
CA HIS A 77 -15.05 23.40 0.57
C HIS A 77 -15.46 23.96 -0.78
N THR A 78 -15.78 25.26 -0.79
CA THR A 78 -16.20 25.92 -2.00
C THR A 78 -15.04 26.45 -2.84
N TRP A 79 -13.84 26.56 -2.26
CA TRP A 79 -12.69 27.07 -3.00
C TRP A 79 -12.15 26.05 -3.99
N ALA A 80 -11.66 26.56 -5.12
CA ALA A 80 -10.93 25.78 -6.11
C ALA A 80 -10.08 26.75 -6.91
N PHE A 81 -8.84 26.37 -7.18
CA PHE A 81 -7.87 27.31 -7.71
C PHE A 81 -6.81 26.59 -8.54
N SER A 82 -6.10 27.38 -9.34
CA SER A 82 -4.96 26.91 -10.12
C SER A 82 -3.68 27.27 -9.38
N ILE A 83 -2.78 26.28 -9.22
CA ILE A 83 -1.53 26.52 -8.51
C ILE A 83 -0.71 27.59 -9.23
N ALA A 84 -0.60 27.46 -10.56
CA ALA A 84 0.20 28.40 -11.33
C ALA A 84 -0.36 29.81 -11.23
N GLU A 85 -1.69 29.96 -11.24
CA GLU A 85 -2.29 31.28 -11.18
C GLU A 85 -2.08 31.93 -9.81
N MET A 86 -2.25 31.16 -8.73
CA MET A 86 -2.08 31.74 -7.39
C MET A 86 -0.64 32.18 -7.17
N LYS A 87 0.32 31.40 -7.65
CA LYS A 87 1.73 31.79 -7.53
C LYS A 87 2.01 33.11 -8.24
N LYS A 88 1.47 33.27 -9.46
CA LYS A 88 1.69 34.49 -10.21
C LYS A 88 1.10 35.70 -9.48
N ASN A 89 -0.11 35.54 -8.93
CA ASN A 89 -0.78 36.66 -8.26
C ASN A 89 0.02 37.14 -7.05
N LEU A 90 0.57 36.20 -6.28
CA LEU A 90 1.32 36.56 -5.07
C LEU A 90 2.76 36.93 -5.37
N GLY A 91 3.23 36.78 -6.60
CA GLY A 91 4.62 37.05 -6.91
C GLY A 91 5.60 36.16 -6.18
N PHE A 92 5.24 34.90 -5.96
CA PHE A 92 6.14 33.95 -5.32
C PHE A 92 7.15 33.40 -6.31
N SER A 93 8.30 32.98 -5.78
CA SER A 93 9.28 32.25 -6.58
C SER A 93 9.03 30.75 -6.54
N HIS A 94 8.84 30.21 -5.33
CA HIS A 94 8.40 28.84 -5.14
C HIS A 94 7.10 28.84 -4.37
N LEU A 95 6.14 28.04 -4.83
CA LEU A 95 4.87 27.85 -4.12
C LEU A 95 4.50 26.38 -4.27
N GLU A 96 4.81 25.58 -3.24
CA GLU A 96 4.49 24.16 -3.25
C GLU A 96 3.10 23.94 -2.70
N ILE A 97 2.30 23.15 -3.42
CA ILE A 97 0.97 22.75 -2.97
C ILE A 97 0.97 21.23 -2.87
N ILE A 98 0.68 20.71 -1.66
CA ILE A 98 0.80 19.28 -1.39
C ILE A 98 -0.41 18.78 -0.63
N ASN A 99 -0.61 17.47 -0.70
CA ASN A 99 -1.66 16.80 0.07
C ASN A 99 -1.34 16.84 1.56
N ASP A 100 -2.39 16.88 2.38
CA ASP A 100 -2.18 17.13 3.81
C ASP A 100 -1.38 16.02 4.49
N PHE A 101 -1.43 14.80 3.98
CA PHE A 101 -0.66 13.75 4.61
C PHE A 101 0.71 13.55 3.97
N THR A 102 0.95 14.15 2.80
CA THR A 102 2.32 14.38 2.37
C THR A 102 3.05 15.25 3.39
N ALA A 103 2.39 16.32 3.84
CA ALA A 103 2.99 17.22 4.83
C ALA A 103 3.22 16.51 6.16
N VAL A 104 2.22 15.77 6.63
CA VAL A 104 2.35 15.05 7.91
C VAL A 104 3.51 14.07 7.84
N SER A 105 3.68 13.41 6.69
CA SER A 105 4.78 12.45 6.53
C SER A 105 6.14 13.13 6.66
N MET A 106 6.28 14.34 6.11
CA MET A 106 7.54 15.05 6.25
C MET A 106 7.75 15.66 7.63
N ALA A 107 6.73 15.68 8.50
CA ALA A 107 6.95 16.11 9.87
C ALA A 107 7.72 15.06 10.67
N ILE A 108 7.73 13.82 10.20
CA ILE A 108 8.33 12.73 10.99
C ILE A 108 9.81 12.94 11.23
N PRO A 109 10.64 13.34 10.25
CA PRO A 109 12.05 13.62 10.59
C PRO A 109 12.24 14.70 11.64
N MET A 110 11.33 15.68 11.71
CA MET A 110 11.46 16.78 12.66
C MET A 110 10.90 16.48 14.05
N LEU A 111 10.13 15.41 14.21
CA LEU A 111 9.53 15.12 15.50
C LEU A 111 10.58 14.60 16.49
N LYS A 112 10.39 14.95 17.76
CA LYS A 112 11.22 14.47 18.84
C LYS A 112 10.47 13.39 19.63
N LYS A 113 11.15 12.80 20.61
CA LYS A 113 10.53 11.76 21.42
C LYS A 113 9.32 12.28 22.18
N GLU A 114 9.40 13.54 22.63
CA GLU A 114 8.28 14.14 23.37
C GLU A 114 6.99 14.11 22.57
N HIS A 115 7.08 14.14 21.24
CA HIS A 115 5.92 14.18 20.38
C HIS A 115 5.38 12.81 20.00
N LEU A 116 5.94 11.73 20.54
CA LEU A 116 5.53 10.38 20.18
C LEU A 116 5.06 9.61 21.39
N ILE A 117 4.02 8.80 21.19
CA ILE A 117 3.58 7.81 22.17
C ILE A 117 3.56 6.46 21.46
N GLN A 118 4.24 5.47 22.02
CA GLN A 118 4.38 4.17 21.38
C GLN A 118 3.26 3.24 21.82
N PHE A 119 2.76 2.45 20.87
CA PHE A 119 1.76 1.41 21.12
C PHE A 119 2.30 0.10 20.57
N GLY A 120 3.01 -0.65 21.41
CA GLY A 120 3.51 -1.94 20.99
C GLY A 120 4.69 -1.83 20.02
N GLY A 121 5.09 -2.98 19.51
CA GLY A 121 6.27 -3.06 18.67
C GLY A 121 7.50 -2.75 19.49
N ALA A 122 8.70 -2.88 18.92
CA ALA A 122 9.90 -2.61 19.71
C ALA A 122 10.76 -1.47 19.18
N GLU A 123 11.37 -1.57 17.99
CA GLU A 123 12.19 -0.43 17.55
C GLU A 123 12.26 -0.39 16.04
N PRO A 124 12.43 0.81 15.45
CA PRO A 124 12.46 0.92 13.99
C PRO A 124 13.84 0.61 13.39
N VAL A 125 13.82 0.18 12.14
CA VAL A 125 15.03 -0.16 11.39
C VAL A 125 15.35 1.00 10.47
N GLU A 126 16.55 1.55 10.59
CA GLU A 126 16.92 2.73 9.80
C GLU A 126 17.00 2.37 8.33
N GLY A 127 16.50 3.27 7.48
CA GLY A 127 16.50 3.06 6.05
C GLY A 127 15.35 2.23 5.53
N LYS A 128 14.36 1.88 6.39
CA LYS A 128 13.19 1.15 5.94
C LYS A 128 12.00 2.09 5.79
N PRO A 129 11.05 1.76 4.91
CA PRO A 129 9.90 2.65 4.67
C PRO A 129 9.06 2.86 5.92
N ILE A 130 8.33 3.97 5.91
CA ILE A 130 7.46 4.36 7.01
C ILE A 130 6.05 4.55 6.47
N ALA A 131 5.05 4.11 7.23
CA ALA A 131 3.65 4.31 6.89
C ALA A 131 3.02 5.32 7.84
N VAL A 132 2.26 6.26 7.28
CA VAL A 132 1.59 7.30 8.04
C VAL A 132 0.12 7.29 7.68
N TYR A 133 -0.75 7.30 8.69
CA TYR A 133 -2.17 7.42 8.43
C TYR A 133 -2.84 8.11 9.62
N GLY A 134 -4.05 8.61 9.37
CA GLY A 134 -4.77 9.36 10.38
C GLY A 134 -6.26 9.48 10.11
N ALA A 135 -7.05 9.31 11.16
CA ALA A 135 -8.51 9.40 11.05
C ALA A 135 -8.95 10.76 11.58
N GLY A 136 -9.43 11.60 10.67
CA GLY A 136 -9.96 12.91 11.04
C GLY A 136 -11.29 13.19 10.37
N THR A 137 -11.38 14.30 9.63
CA THR A 137 -12.53 14.51 8.77
C THR A 137 -12.57 13.47 7.65
N GLY A 138 -11.40 13.12 7.11
CA GLY A 138 -11.26 12.01 6.19
C GLY A 138 -10.18 11.06 6.68
N LEU A 139 -9.86 10.04 5.90
CA LEU A 139 -8.80 9.09 6.22
C LEU A 139 -7.61 9.37 5.30
N GLY A 140 -6.52 9.87 5.89
CA GLY A 140 -5.31 10.17 5.14
C GLY A 140 -4.29 9.06 5.32
N VAL A 141 -3.57 8.79 4.23
CA VAL A 141 -2.49 7.79 4.22
C VAL A 141 -1.36 8.32 3.37
N ALA A 142 -0.13 8.20 3.87
CA ALA A 142 1.06 8.50 3.09
C ALA A 142 2.17 7.57 3.52
N HIS A 143 3.21 7.47 2.69
CA HIS A 143 4.36 6.64 2.98
C HIS A 143 5.63 7.46 2.79
N LEU A 144 6.66 7.08 3.52
CA LEU A 144 7.91 7.84 3.56
C LEU A 144 9.08 6.89 3.45
N VAL A 145 10.03 7.20 2.56
CA VAL A 145 11.23 6.40 2.39
C VAL A 145 12.44 7.33 2.37
N HIS A 146 13.54 6.85 2.96
CA HIS A 146 14.78 7.62 3.05
C HIS A 146 15.76 7.04 2.03
N VAL A 147 15.94 7.76 0.92
CA VAL A 147 16.86 7.36 -0.14
C VAL A 147 18.03 8.32 -0.16
N ASP A 148 19.22 7.81 0.09
CA ASP A 148 20.46 8.59 0.13
C ASP A 148 20.25 9.73 1.12
N LYS A 149 20.42 11.00 0.67
CA LYS A 149 20.24 12.07 1.68
C LYS A 149 18.80 12.58 1.74
N ARG A 150 17.93 12.16 0.85
CA ARG A 150 16.63 12.77 0.70
C ARG A 150 15.52 11.92 1.29
N TRP A 151 14.59 12.56 1.98
CA TRP A 151 13.36 11.93 2.44
C TRP A 151 12.32 12.05 1.34
N VAL A 152 11.87 10.91 0.80
CA VAL A 152 10.96 10.88 -0.32
C VAL A 152 9.57 10.53 0.19
N SER A 153 8.62 11.45 0.00
CA SER A 153 7.23 11.21 0.38
C SER A 153 6.47 10.63 -0.81
N LEU A 154 5.75 9.56 -0.56
CA LEU A 154 4.92 8.92 -1.59
C LEU A 154 3.46 9.18 -1.25
N PRO A 155 2.84 10.21 -1.82
CA PRO A 155 1.43 10.48 -1.51
C PRO A 155 0.49 9.51 -2.21
N GLY A 156 -0.70 9.42 -1.66
CA GLY A 156 -1.74 8.59 -2.26
C GLY A 156 -3.08 8.92 -1.65
N GLU A 157 -4.09 8.18 -2.11
CA GLU A 157 -5.45 8.30 -1.59
C GLU A 157 -5.87 7.00 -0.92
N GLY A 158 -4.96 6.41 -0.13
CA GLY A 158 -5.15 5.09 0.44
C GLY A 158 -6.30 4.99 1.42
N GLY A 159 -6.89 6.12 1.84
CA GLY A 159 -8.06 6.07 2.68
C GLY A 159 -9.32 5.63 1.96
N HIS A 160 -9.29 5.57 0.64
CA HIS A 160 -10.46 5.22 -0.17
C HIS A 160 -10.38 3.79 -0.73
N VAL A 161 -9.48 2.97 -0.21
CA VAL A 161 -9.46 1.55 -0.56
C VAL A 161 -10.66 0.86 0.07
N ASP A 162 -10.98 -0.32 -0.46
CA ASP A 162 -12.12 -1.09 0.05
C ASP A 162 -11.95 -1.37 1.54
N PHE A 163 -13.01 -1.14 2.31
CA PHE A 163 -13.04 -1.61 3.68
C PHE A 163 -12.92 -3.13 3.71
N ALA A 164 -12.17 -3.64 4.68
CA ALA A 164 -11.76 -5.05 4.72
C ALA A 164 -12.22 -5.67 6.02
N PRO A 165 -13.49 -6.10 6.10
CA PRO A 165 -13.98 -6.73 7.32
C PRO A 165 -13.29 -8.05 7.58
N ASN A 166 -13.10 -8.35 8.87
CA ASN A 166 -12.55 -9.62 9.31
C ASN A 166 -13.57 -10.42 10.12
N SER A 167 -14.11 -9.83 11.19
CA SER A 167 -15.02 -10.53 12.07
C SER A 167 -16.45 -10.52 11.51
N GLU A 168 -17.32 -11.31 12.15
CA GLU A 168 -18.72 -11.31 11.78
C GLU A 168 -19.36 -9.96 12.06
N GLU A 169 -19.02 -9.34 13.20
CA GLU A 169 -19.55 -8.02 13.52
C GLU A 169 -19.12 -6.99 12.48
N GLU A 170 -17.88 -7.11 11.98
CA GLU A 170 -17.41 -6.20 10.94
C GLU A 170 -18.12 -6.44 9.62
N ALA A 171 -18.39 -7.71 9.28
CA ALA A 171 -19.08 -8.03 8.03
C ALA A 171 -20.50 -7.46 8.02
N ILE A 172 -21.16 -7.44 9.18
CA ILE A 172 -22.49 -6.81 9.26
C ILE A 172 -22.40 -5.34 8.90
N ILE A 173 -21.38 -4.64 9.41
CA ILE A 173 -21.19 -3.22 9.11
C ILE A 173 -21.09 -3.01 7.61
N LEU A 174 -20.26 -3.82 6.94
CA LEU A 174 -20.11 -3.70 5.50
C LEU A 174 -21.44 -3.95 4.79
N GLU A 175 -22.19 -4.96 5.25
CA GLU A 175 -23.46 -5.30 4.60
C GLU A 175 -24.43 -4.12 4.65
N ILE A 176 -24.58 -3.51 5.82
CA ILE A 176 -25.55 -2.42 5.98
C ILE A 176 -25.10 -1.19 5.21
N LEU A 177 -23.81 -0.83 5.30
CA LEU A 177 -23.33 0.37 4.62
CA LEU A 177 -23.33 0.37 4.62
CA LEU A 177 -23.33 0.36 4.63
C LEU A 177 -23.35 0.19 3.11
N ARG A 178 -23.08 -1.02 2.62
CA ARG A 178 -23.09 -1.26 1.17
C ARG A 178 -24.46 -0.97 0.58
N ALA A 179 -25.53 -1.25 1.31
CA ALA A 179 -26.87 -0.95 0.86
C ALA A 179 -27.11 0.54 0.75
N GLU A 180 -26.42 1.34 1.57
CA GLU A 180 -26.69 2.76 1.65
C GLU A 180 -25.85 3.62 0.69
N ILE A 181 -24.62 3.20 0.38
CA ILE A 181 -23.74 4.06 -0.40
C ILE A 181 -23.07 3.34 -1.56
N GLY A 182 -23.11 2.01 -1.56
CA GLY A 182 -22.46 1.24 -2.61
C GLY A 182 -21.07 0.78 -2.21
N HIS A 183 -20.03 1.27 -2.90
CA HIS A 183 -18.67 0.97 -2.50
C HIS A 183 -18.41 1.55 -1.11
N VAL A 184 -17.82 0.73 -0.25
CA VAL A 184 -17.55 1.12 1.13
C VAL A 184 -16.04 1.22 1.31
N SER A 185 -15.57 2.44 1.50
CA SER A 185 -14.16 2.71 1.73
C SER A 185 -13.83 2.60 3.21
N ALA A 186 -12.53 2.49 3.50
CA ALA A 186 -12.07 2.52 4.88
C ALA A 186 -12.42 3.84 5.56
N GLU A 187 -12.50 4.92 4.77
CA GLU A 187 -12.90 6.21 5.32
C GLU A 187 -14.30 6.18 5.93
N ARG A 188 -15.19 5.35 5.37
CA ARG A 188 -16.57 5.28 5.84
C ARG A 188 -16.70 4.76 7.27
N VAL A 189 -15.66 4.13 7.83
CA VAL A 189 -15.71 3.66 9.20
C VAL A 189 -14.60 4.28 10.04
N LEU A 190 -13.47 4.59 9.40
CA LEU A 190 -12.30 5.14 10.09
C LEU A 190 -12.22 6.65 9.84
N SER A 191 -13.08 7.41 10.51
CA SER A 191 -13.08 8.86 10.41
C SER A 191 -14.11 9.40 11.39
N GLY A 192 -14.14 10.73 11.51
CA GLY A 192 -15.16 11.41 12.25
C GLY A 192 -16.55 11.01 11.81
N PRO A 193 -16.87 11.23 10.53
CA PRO A 193 -18.12 10.71 9.98
C PRO A 193 -18.25 9.20 10.09
N GLY A 194 -17.15 8.47 9.97
CA GLY A 194 -17.20 7.02 10.07
C GLY A 194 -17.58 6.50 11.42
N LEU A 195 -17.35 7.29 12.48
CA LEU A 195 -17.83 6.90 13.80
C LEU A 195 -19.35 6.86 13.84
N VAL A 196 -20.00 7.80 13.14
CA VAL A 196 -21.45 7.81 13.07
C VAL A 196 -21.96 6.61 12.28
N ASN A 197 -21.32 6.33 11.14
CA ASN A 197 -21.70 5.17 10.34
C ASN A 197 -21.57 3.88 11.14
N LEU A 198 -20.48 3.75 11.91
CA LEU A 198 -20.33 2.60 12.78
C LEU A 198 -21.43 2.54 13.82
N TYR A 199 -21.78 3.70 14.40
CA TYR A 199 -22.89 3.75 15.35
C TYR A 199 -24.21 3.39 14.68
N ARG A 200 -24.49 4.01 13.53
CA ARG A 200 -25.78 3.81 12.87
C ARG A 200 -25.97 2.37 12.41
N ALA A 201 -24.94 1.78 11.81
CA ALA A 201 -25.05 0.39 11.35
C ALA A 201 -25.28 -0.55 12.52
N ILE A 202 -24.66 -0.26 13.67
CA ILE A 202 -24.87 -1.07 14.87
C ILE A 202 -26.33 -1.00 15.31
N VAL A 203 -26.90 0.21 15.31
CA VAL A 203 -28.28 0.38 15.74
C VAL A 203 -29.23 -0.32 14.77
N LYS A 204 -29.03 -0.10 13.46
CA LYS A 204 -29.92 -0.71 12.48
C LYS A 204 -29.80 -2.23 12.47
N ALA A 205 -28.60 -2.76 12.75
CA ALA A 205 -28.44 -4.20 12.88
C ALA A 205 -29.30 -4.75 14.02
N ASP A 206 -29.54 -3.94 15.05
CA ASP A 206 -30.42 -4.31 16.16
C ASP A 206 -31.88 -4.02 15.85
N ASN A 207 -32.21 -3.72 14.58
CA ASN A 207 -33.58 -3.45 14.15
C ASN A 207 -34.20 -2.27 14.90
N ARG A 208 -33.39 -1.24 15.14
CA ARG A 208 -33.84 -0.03 15.81
C ARG A 208 -33.50 1.18 14.93
N LEU A 209 -34.10 2.32 15.28
CA LEU A 209 -33.77 3.51 14.50
C LEU A 209 -32.68 4.32 15.19
N PRO A 210 -31.70 4.83 14.45
CA PRO A 210 -30.58 5.52 15.06
C PRO A 210 -30.91 6.97 15.40
N GLU A 211 -30.29 7.45 16.47
CA GLU A 211 -30.35 8.87 16.80
C GLU A 211 -29.48 9.66 15.84
N ASN A 212 -29.80 10.96 15.70
CA ASN A 212 -29.02 11.85 14.86
C ASN A 212 -27.84 12.42 15.63
N LEU A 213 -26.98 11.51 16.08
CA LEU A 213 -25.80 11.88 16.86
C LEU A 213 -24.72 12.49 15.97
N LYS A 214 -23.74 13.11 16.61
CA LYS A 214 -22.56 13.65 15.97
C LYS A 214 -21.33 12.94 16.52
N PRO A 215 -20.18 13.05 15.85
CA PRO A 215 -18.98 12.38 16.37
C PRO A 215 -18.62 12.76 17.80
N LYS A 216 -18.90 14.00 18.20
CA LYS A 216 -18.70 14.40 19.59
C LYS A 216 -19.61 13.58 20.52
N ASP A 217 -20.86 13.38 20.12
CA ASP A 217 -21.80 12.64 20.95
C ASP A 217 -21.34 11.20 21.17
N ILE A 218 -20.82 10.55 20.13
CA ILE A 218 -20.45 9.14 20.23
C ILE A 218 -19.27 8.97 21.17
N THR A 219 -18.24 9.80 21.02
CA THR A 219 -17.04 9.66 21.84
CA THR A 219 -17.04 9.66 21.84
C THR A 219 -17.35 9.91 23.31
N GLU A 220 -18.03 11.03 23.61
CA GLU A 220 -18.31 11.36 25.00
C GLU A 220 -19.25 10.36 25.65
N ARG A 221 -20.30 9.94 24.93
CA ARG A 221 -21.21 8.94 25.48
C ARG A 221 -20.50 7.61 25.71
N ALA A 222 -19.55 7.26 24.84
CA ALA A 222 -18.80 6.03 25.01
C ALA A 222 -17.94 6.07 26.27
N LEU A 223 -17.24 7.18 26.50
CA LEU A 223 -16.41 7.31 27.69
C LEU A 223 -17.24 7.40 28.97
N ALA A 224 -18.52 7.75 28.85
CA ALA A 224 -19.39 7.93 30.00
C ALA A 224 -20.22 6.70 30.34
N ASP A 225 -20.03 5.64 29.43
CA ASP A 225 -20.89 4.45 29.57
C ASP A 225 -22.35 4.93 29.63
N SER A 226 -22.72 5.79 28.78
CA SER A 226 -24.07 6.32 28.68
C SER A 226 -24.89 5.63 27.60
N CYS A 227 -24.23 5.10 26.57
CA CYS A 227 -24.91 4.35 25.51
C CYS A 227 -24.02 3.20 25.10
N THR A 228 -24.50 1.96 25.33
CA THR A 228 -23.74 0.79 24.91
C THR A 228 -23.59 0.73 23.40
N ASP A 229 -24.52 1.34 22.65
CA ASP A 229 -24.36 1.43 21.21
C ASP A 229 -23.13 2.27 20.84
N CYS A 230 -22.89 3.35 21.58
CA CYS A 230 -21.78 4.24 21.26
C CYS A 230 -20.43 3.71 21.75
N ARG A 231 -20.41 2.95 22.84
CA ARG A 231 -19.15 2.36 23.27
C ARG A 231 -18.74 1.20 22.36
N ARG A 232 -19.71 0.43 21.87
CA ARG A 232 -19.39 -0.61 20.91
C ARG A 232 -18.86 0.00 19.62
N ALA A 233 -19.45 1.10 19.16
CA ALA A 233 -18.94 1.79 17.98
C ALA A 233 -17.50 2.24 18.17
N LEU A 234 -17.19 2.78 19.35
CA LEU A 234 -15.83 3.23 19.62
C LEU A 234 -14.86 2.06 19.69
N SER A 235 -15.27 0.97 20.35
CA SER A 235 -14.39 -0.19 20.46
C SER A 235 -14.13 -0.81 19.09
N LEU A 236 -15.15 -0.88 18.24
CA LEU A 236 -14.95 -1.39 16.89
C LEU A 236 -14.10 -0.44 16.05
N PHE A 237 -14.19 0.87 16.34
CA PHE A 237 -13.32 1.83 15.67
C PHE A 237 -11.85 1.53 15.93
N CYS A 238 -11.51 1.25 17.19
CA CYS A 238 -10.12 1.01 17.55
C CYS A 238 -9.61 -0.30 16.97
N VAL A 239 -10.46 -1.32 16.90
CA VAL A 239 -10.05 -2.60 16.31
C VAL A 239 -9.72 -2.42 14.84
N ILE A 240 -10.62 -1.77 14.09
CA ILE A 240 -10.43 -1.62 12.65
C ILE A 240 -9.23 -0.74 12.36
N MET A 241 -9.01 0.28 13.20
CA MET A 241 -7.80 1.09 13.08
C MET A 241 -6.55 0.22 13.11
N GLY A 242 -6.51 -0.75 14.02
CA GLY A 242 -5.36 -1.65 14.09
C GLY A 242 -5.23 -2.55 12.87
N ARG A 243 -6.34 -3.14 12.42
CA ARG A 243 -6.31 -3.99 11.23
C ARG A 243 -5.82 -3.19 10.03
N PHE A 244 -6.32 -1.97 9.86
CA PHE A 244 -5.93 -1.14 8.73
C PHE A 244 -4.45 -0.83 8.75
N GLY A 245 -3.93 -0.45 9.92
CA GLY A 245 -2.51 -0.14 10.02
C GLY A 245 -1.62 -1.35 9.76
N GLY A 246 -2.07 -2.54 10.18
CA GLY A 246 -1.31 -3.74 9.93
C GLY A 246 -1.22 -4.07 8.45
N ASN A 247 -2.29 -3.81 7.70
CA ASN A 247 -2.25 -4.01 6.25
C ASN A 247 -1.23 -3.10 5.61
N LEU A 248 -1.14 -1.85 6.09
CA LEU A 248 -0.14 -0.92 5.57
C LEU A 248 1.28 -1.44 5.82
N ALA A 249 1.53 -1.99 7.01
CA ALA A 249 2.87 -2.46 7.34
C ALA A 249 3.25 -3.69 6.52
N LEU A 250 2.29 -4.56 6.21
CA LEU A 250 2.58 -5.72 5.37
C LEU A 250 2.85 -5.31 3.93
N ASN A 251 2.09 -4.32 3.43
CA ASN A 251 2.12 -4.01 2.00
C ASN A 251 3.44 -3.37 1.58
N LEU A 252 3.99 -2.49 2.40
CA LEU A 252 5.24 -1.81 2.05
C LEU A 252 6.39 -2.16 2.99
N GLY A 253 6.24 -3.20 3.83
CA GLY A 253 7.32 -3.64 4.68
C GLY A 253 7.84 -2.54 5.59
N THR A 254 6.93 -1.87 6.29
CA THR A 254 7.25 -0.62 6.99
C THR A 254 7.92 -0.91 8.33
N PHE A 255 9.14 -1.44 8.24
CA PHE A 255 9.92 -1.69 9.44
C PHE A 255 10.48 -0.41 10.05
N GLY A 256 10.40 0.71 9.34
CA GLY A 256 10.71 2.00 9.94
C GLY A 256 9.64 2.55 10.84
N GLY A 257 8.47 1.93 10.87
CA GLY A 257 7.43 2.32 11.80
C GLY A 257 6.13 2.76 11.15
N VAL A 258 5.03 2.59 11.89
CA VAL A 258 3.71 3.07 11.47
C VAL A 258 3.33 4.20 12.41
N PHE A 259 3.02 5.36 11.83
CA PHE A 259 2.69 6.56 12.59
C PHE A 259 1.22 6.89 12.40
N ILE A 260 0.52 7.14 13.49
CA ILE A 260 -0.88 7.51 13.47
C ILE A 260 -0.98 8.99 13.83
N ALA A 261 -1.39 9.80 12.85
CA ALA A 261 -1.61 11.22 13.10
C ALA A 261 -2.96 11.40 13.79
N GLY A 262 -2.94 12.00 14.97
CA GLY A 262 -4.14 12.11 15.76
C GLY A 262 -5.12 13.16 15.26
N GLY A 263 -6.20 12.71 14.61
CA GLY A 263 -7.29 13.61 14.34
C GLY A 263 -8.32 13.57 15.42
N ILE A 264 -8.86 12.38 15.70
CA ILE A 264 -9.86 12.21 16.75
C ILE A 264 -9.37 11.32 17.89
N VAL A 265 -8.30 10.56 17.68
CA VAL A 265 -7.81 9.63 18.72
C VAL A 265 -7.54 10.33 20.05
N PRO A 266 -6.81 11.45 20.12
CA PRO A 266 -6.43 12.01 21.43
C PRO A 266 -7.61 12.40 22.30
N ARG A 267 -8.81 12.59 21.73
CA ARG A 267 -9.97 12.90 22.55
C ARG A 267 -10.44 11.71 23.38
N PHE A 268 -10.01 10.50 23.04
CA PHE A 268 -10.27 9.30 23.84
C PHE A 268 -8.99 8.48 23.94
N LEU A 269 -7.89 9.15 24.29
CA LEU A 269 -6.57 8.53 24.27
C LEU A 269 -6.50 7.31 25.18
N GLU A 270 -7.02 7.42 26.41
CA GLU A 270 -6.87 6.34 27.37
C GLU A 270 -7.73 5.13 26.99
N PHE A 271 -8.92 5.38 26.43
CA PHE A 271 -9.73 4.29 25.90
C PHE A 271 -8.99 3.56 24.79
N PHE A 272 -8.32 4.32 23.92
CA PHE A 272 -7.53 3.73 22.84
C PHE A 272 -6.42 2.86 23.39
N LYS A 273 -5.73 3.32 24.44
CA LYS A 273 -4.66 2.55 25.05
C LYS A 273 -5.16 1.21 25.58
N ALA A 274 -6.40 1.15 26.04
CA ALA A 274 -6.97 -0.07 26.61
C ALA A 274 -7.73 -0.91 25.59
N SER A 275 -7.89 -0.42 24.36
CA SER A 275 -8.65 -1.12 23.35
C SER A 275 -7.82 -2.28 22.78
N GLY A 276 -8.41 -2.99 21.82
CA GLY A 276 -7.74 -4.10 21.20
C GLY A 276 -6.98 -3.71 19.95
N PHE A 277 -6.44 -2.48 19.94
CA PHE A 277 -5.79 -1.97 18.74
C PHE A 277 -4.58 -2.81 18.36
N ARG A 278 -3.70 -3.09 19.33
CA ARG A 278 -2.45 -3.79 19.02
C ARG A 278 -2.72 -5.22 18.59
N ALA A 279 -3.67 -5.89 19.26
CA ALA A 279 -4.03 -7.25 18.86
C ALA A 279 -4.62 -7.27 17.46
N ALA A 280 -5.45 -6.28 17.13
CA ALA A 280 -5.97 -6.18 15.76
C ALA A 280 -4.86 -5.88 14.78
N PHE A 281 -3.90 -5.04 15.16
CA PHE A 281 -2.77 -4.73 14.29
C PHE A 281 -2.01 -5.99 13.88
N GLU A 282 -1.92 -6.95 14.79
CA GLU A 282 -1.09 -8.15 14.58
C GLU A 282 -1.89 -9.37 14.18
N ASP A 283 -3.22 -9.27 14.05
CA ASP A 283 -4.06 -10.42 13.72
C ASP A 283 -3.99 -10.66 12.21
N LYS A 284 -2.87 -11.24 11.78
CA LYS A 284 -2.57 -11.38 10.36
C LYS A 284 -2.12 -12.79 10.02
N GLY A 285 -2.72 -13.79 10.67
CA GLY A 285 -2.40 -15.17 10.32
C GLY A 285 -0.94 -15.49 10.54
N ARG A 286 -0.34 -16.14 9.54
CA ARG A 286 1.05 -16.57 9.66
C ARG A 286 2.03 -15.42 9.77
N PHE A 287 1.62 -14.21 9.37
CA PHE A 287 2.54 -13.08 9.34
C PHE A 287 2.36 -12.16 10.53
N LYS A 288 1.76 -12.67 11.61
CA LYS A 288 1.77 -11.96 12.88
C LYS A 288 3.21 -11.66 13.34
N GLU A 289 4.10 -12.64 13.22
CA GLU A 289 5.48 -12.44 13.63
C GLU A 289 6.17 -11.39 12.77
N TYR A 290 5.76 -11.27 11.51
CA TYR A 290 6.33 -10.28 10.60
C TYR A 290 6.05 -8.85 11.06
N VAL A 291 4.83 -8.59 11.56
CA VAL A 291 4.46 -7.28 12.05
C VAL A 291 4.57 -7.15 13.56
N HIS A 292 4.90 -8.23 14.28
CA HIS A 292 4.86 -8.22 15.74
C HIS A 292 5.81 -7.18 16.33
N ASP A 293 7.00 -7.04 15.75
CA ASP A 293 8.01 -6.14 16.29
C ASP A 293 7.98 -4.75 15.67
N ILE A 294 7.09 -4.48 14.73
CA ILE A 294 7.01 -3.15 14.13
C ILE A 294 6.38 -2.19 15.12
N PRO A 295 7.02 -1.06 15.43
CA PRO A 295 6.41 -0.11 16.37
C PRO A 295 5.30 0.70 15.74
N VAL A 296 4.35 1.10 16.59
CA VAL A 296 3.27 2.00 16.21
C VAL A 296 3.35 3.22 17.12
N TYR A 297 3.40 4.41 16.52
CA TYR A 297 3.53 5.67 17.25
C TYR A 297 2.32 6.55 16.97
N LEU A 298 1.77 7.13 18.02
CA LEU A 298 0.77 8.18 17.88
C LEU A 298 1.47 9.53 17.98
N ILE A 299 1.22 10.39 17.00
CA ILE A 299 1.79 11.73 16.97
C ILE A 299 0.88 12.64 17.77
N VAL A 300 1.43 13.25 18.83
CA VAL A 300 0.66 14.14 19.69
C VAL A 300 1.08 15.59 19.48
N HIS A 301 1.95 15.86 18.51
CA HIS A 301 2.19 17.21 18.02
C HIS A 301 0.88 17.83 17.55
N ASP A 302 0.64 19.09 17.93
CA ASP A 302 -0.63 19.74 17.59
C ASP A 302 -0.62 20.41 16.22
N ASN A 303 0.54 20.49 15.57
CA ASN A 303 0.64 21.12 14.25
C ASN A 303 1.66 20.37 13.38
N PRO A 304 1.46 19.07 13.15
CA PRO A 304 2.40 18.35 12.28
C PRO A 304 2.31 18.77 10.82
N GLY A 305 1.14 19.24 10.37
CA GLY A 305 1.01 19.66 8.98
C GLY A 305 1.83 20.91 8.67
N LEU A 306 1.82 21.89 9.57
CA LEU A 306 2.67 23.06 9.39
C LEU A 306 4.14 22.69 9.47
N LEU A 307 4.49 21.82 10.43
CA LEU A 307 5.89 21.43 10.60
C LEU A 307 6.42 20.69 9.36
N GLY A 308 5.61 19.78 8.81
CA GLY A 308 6.04 19.03 7.65
C GLY A 308 6.05 19.84 6.37
N SER A 309 5.11 20.80 6.24
CA SER A 309 5.13 21.68 5.09
C SER A 309 6.42 22.47 5.03
N GLY A 310 6.89 22.95 6.18
CA GLY A 310 8.20 23.58 6.23
C GLY A 310 9.31 22.63 5.84
N ALA A 311 9.22 21.38 6.31
CA ALA A 311 10.23 20.38 5.98
C ALA A 311 10.26 20.10 4.47
N HIS A 312 9.08 20.07 3.84
CA HIS A 312 9.04 19.82 2.40
C HIS A 312 9.64 20.98 1.61
N LEU A 313 9.23 22.20 1.94
CA LEU A 313 9.77 23.37 1.24
C LEU A 313 11.27 23.49 1.45
N ARG A 314 11.74 23.25 2.67
CA ARG A 314 13.17 23.38 2.95
C ARG A 314 13.99 22.37 2.15
N GLN A 315 13.51 21.12 2.05
CA GLN A 315 14.23 20.14 1.25
C GLN A 315 14.21 20.50 -0.23
N THR A 316 13.09 21.02 -0.72
CA THR A 316 13.02 21.47 -2.11
C THR A 316 13.98 22.63 -2.37
N LEU A 317 14.25 23.45 -1.36
CA LEU A 317 15.12 24.60 -1.53
C LEU A 317 16.60 24.25 -1.48
N GLY A 318 16.95 23.01 -1.15
CA GLY A 318 18.32 22.56 -1.11
C GLY A 318 18.87 22.25 0.25
N HIS A 319 18.10 22.43 1.32
CA HIS A 319 18.56 22.10 2.65
C HIS A 319 18.43 20.61 2.92
N ILE A 320 19.32 20.10 3.78
CA ILE A 320 19.33 18.69 4.17
C ILE A 320 18.64 18.57 5.52
N LEU A 321 17.77 17.58 5.65
CA LEU A 321 17.07 17.33 6.91
C LEU A 321 17.73 16.20 7.68
N LYS B 3 32.37 -10.39 -17.05
CA LYS B 3 31.52 -10.39 -18.24
C LYS B 3 30.13 -10.95 -17.93
N TYR B 4 30.10 -12.08 -17.21
CA TYR B 4 28.85 -12.74 -16.88
C TYR B 4 28.64 -12.77 -15.37
N ALA B 5 27.38 -12.73 -14.97
CA ALA B 5 26.98 -12.90 -13.59
C ALA B 5 25.88 -13.96 -13.50
N LEU B 6 25.76 -14.57 -12.34
CA LEU B 6 24.76 -15.60 -12.10
C LEU B 6 23.49 -14.94 -11.59
N VAL B 7 22.35 -15.32 -12.16
CA VAL B 7 21.04 -14.85 -11.71
C VAL B 7 20.15 -16.07 -11.49
N GLY B 8 19.21 -15.93 -10.57
CA GLY B 8 18.38 -17.06 -10.19
C GLY B 8 16.98 -16.65 -9.82
N ASP B 9 16.05 -17.60 -9.98
CA ASP B 9 14.65 -17.44 -9.61
C ASP B 9 14.22 -18.76 -8.99
N VAL B 10 14.11 -18.78 -7.66
CA VAL B 10 13.75 -19.98 -6.92
C VAL B 10 12.35 -19.81 -6.36
N GLY B 11 11.46 -20.72 -6.75
CA GLY B 11 10.13 -20.76 -6.16
C GLY B 11 9.72 -22.16 -5.78
N GLY B 12 9.49 -22.40 -4.49
CA GLY B 12 9.12 -23.71 -4.01
C GLY B 12 10.04 -24.82 -4.48
N THR B 13 9.52 -25.71 -5.32
CA THR B 13 10.24 -26.89 -5.77
C THR B 13 11.13 -26.65 -6.98
N ASN B 14 11.02 -25.50 -7.63
CA ASN B 14 11.79 -25.20 -8.83
C ASN B 14 12.82 -24.11 -8.56
N ALA B 15 14.04 -24.33 -9.03
CA ALA B 15 15.09 -23.32 -9.03
C ALA B 15 15.56 -23.13 -10.47
N ARG B 16 15.50 -21.90 -10.95
CA ARG B 16 15.95 -21.55 -12.30
C ARG B 16 17.19 -20.69 -12.21
N LEU B 17 18.23 -21.07 -12.95
CA LEU B 17 19.50 -20.37 -12.93
C LEU B 17 19.91 -20.02 -14.37
N ALA B 18 20.56 -18.87 -14.52
CA ALA B 18 20.96 -18.38 -15.83
C ALA B 18 22.12 -17.41 -15.65
N LEU B 19 22.75 -17.09 -16.78
CA LEU B 19 23.85 -16.14 -16.82
C LEU B 19 23.35 -14.81 -17.40
N CYS B 20 23.94 -13.72 -16.91
CA CYS B 20 23.56 -12.38 -17.30
C CYS B 20 24.76 -11.63 -17.82
N ASP B 21 24.60 -10.96 -18.97
CA ASP B 21 25.66 -10.16 -19.55
C ASP B 21 25.77 -8.84 -18.80
N ILE B 22 26.92 -8.60 -18.18
CA ILE B 22 27.11 -7.41 -17.35
C ILE B 22 27.00 -6.15 -18.19
N ALA B 23 27.52 -6.18 -19.41
CA ALA B 23 27.51 -4.98 -20.26
C ALA B 23 26.08 -4.57 -20.61
N SER B 24 25.21 -5.53 -20.90
CA SER B 24 23.91 -5.25 -21.47
C SER B 24 22.74 -5.67 -20.61
N GLY B 25 22.90 -6.67 -19.76
CA GLY B 25 21.79 -7.21 -19.00
C GLY B 25 21.04 -8.33 -19.68
N GLU B 26 21.51 -8.80 -20.84
CA GLU B 26 20.85 -9.91 -21.52
C GLU B 26 20.99 -11.19 -20.71
N ILE B 27 19.94 -12.01 -20.72
CA ILE B 27 19.91 -13.28 -20.01
C ILE B 27 20.10 -14.40 -21.02
N SER B 28 20.98 -15.36 -20.70
CA SER B 28 21.24 -16.48 -21.59
C SER B 28 21.58 -17.71 -20.76
N GLN B 29 21.39 -18.88 -21.39
CA GLN B 29 21.74 -20.18 -20.81
C GLN B 29 20.88 -20.49 -19.58
N ALA B 30 19.57 -20.37 -19.74
CA ALA B 30 18.63 -20.61 -18.63
C ALA B 30 18.36 -22.11 -18.48
N LYS B 31 18.48 -22.60 -17.25
CA LYS B 31 18.21 -24.00 -16.94
C LYS B 31 17.41 -24.07 -15.65
N THR B 32 16.38 -24.92 -15.65
CA THR B 32 15.54 -25.14 -14.48
C THR B 32 15.93 -26.44 -13.80
N TYR B 33 16.06 -26.41 -12.48
CA TYR B 33 16.36 -27.58 -11.68
C TYR B 33 15.21 -27.86 -10.72
N SER B 34 15.18 -29.07 -10.20
CA SER B 34 14.18 -29.47 -9.21
C SER B 34 14.79 -29.40 -7.82
N GLY B 35 14.11 -28.69 -6.92
CA GLY B 35 14.60 -28.56 -5.55
C GLY B 35 14.55 -29.84 -4.75
N LEU B 36 13.72 -30.81 -5.17
CA LEU B 36 13.66 -32.08 -4.47
C LEU B 36 14.89 -32.94 -4.72
N ASP B 37 15.53 -32.76 -5.87
CA ASP B 37 16.68 -33.58 -6.24
C ASP B 37 18.01 -33.02 -5.78
N TYR B 38 18.01 -31.89 -5.08
CA TYR B 38 19.24 -31.32 -4.56
C TYR B 38 19.05 -30.92 -3.11
N PRO B 39 20.11 -31.03 -2.29
CA PRO B 39 19.95 -30.81 -0.84
C PRO B 39 19.95 -29.35 -0.42
N SER B 40 20.45 -28.44 -1.25
CA SER B 40 20.51 -27.03 -0.87
C SER B 40 20.57 -26.19 -2.14
N LEU B 41 20.29 -24.90 -1.97
CA LEU B 41 20.49 -23.96 -3.07
C LEU B 41 21.95 -23.91 -3.49
N GLU B 42 22.87 -24.01 -2.51
CA GLU B 42 24.29 -23.93 -2.81
C GLU B 42 24.74 -25.08 -3.73
N ALA B 43 24.22 -26.29 -3.49
CA ALA B 43 24.59 -27.42 -4.32
C ALA B 43 24.15 -27.25 -5.77
N VAL B 44 22.99 -26.60 -5.98
CA VAL B 44 22.51 -26.38 -7.34
C VAL B 44 23.42 -25.39 -8.07
N ILE B 45 23.88 -24.35 -7.36
CA ILE B 45 24.75 -23.36 -7.99
C ILE B 45 26.08 -24.00 -8.41
N ARG B 46 26.62 -24.88 -7.56
CA ARG B 46 27.87 -25.55 -7.89
C ARG B 46 27.75 -26.35 -9.18
N VAL B 47 26.64 -27.07 -9.36
CA VAL B 47 26.46 -27.87 -10.56
C VAL B 47 26.36 -26.98 -11.79
N TYR B 48 25.60 -25.88 -11.69
CA TYR B 48 25.42 -25.00 -12.85
C TYR B 48 26.73 -24.38 -13.29
N LEU B 49 27.55 -23.93 -12.33
CA LEU B 49 28.76 -23.19 -12.68
C LEU B 49 29.81 -24.06 -13.36
N GLU B 50 29.74 -25.38 -13.19
CA GLU B 50 30.68 -26.27 -13.85
C GLU B 50 30.15 -26.81 -15.17
N GLU B 51 28.84 -27.03 -15.26
CA GLU B 51 28.25 -27.50 -16.51
C GLU B 51 28.35 -26.48 -17.63
N HIS B 52 28.62 -25.22 -17.30
CA HIS B 52 28.65 -24.15 -18.29
C HIS B 52 30.05 -23.57 -18.49
N LYS B 53 31.04 -24.03 -17.71
CA LYS B 53 32.44 -23.65 -17.90
C LYS B 53 32.61 -22.13 -17.91
N VAL B 54 31.90 -21.45 -17.02
CA VAL B 54 31.96 -20.00 -16.91
C VAL B 54 32.42 -19.65 -15.50
N GLU B 55 33.45 -18.82 -15.40
CA GLU B 55 33.85 -18.29 -14.11
C GLU B 55 32.93 -17.11 -13.78
N VAL B 56 32.33 -17.16 -12.59
CA VAL B 56 31.40 -16.15 -12.13
C VAL B 56 31.82 -15.70 -10.73
N LYS B 57 31.78 -14.39 -10.50
CA LYS B 57 32.20 -13.80 -9.24
C LYS B 57 31.10 -12.97 -8.58
N ASP B 58 30.07 -12.56 -9.32
CA ASP B 58 28.95 -11.79 -8.78
C ASP B 58 27.65 -12.51 -9.10
N GLY B 59 26.68 -12.39 -8.19
CA GLY B 59 25.40 -13.06 -8.38
C GLY B 59 24.27 -12.38 -7.66
N CYS B 60 23.05 -12.68 -8.14
CA CYS B 60 21.82 -12.20 -7.51
C CYS B 60 20.74 -13.24 -7.72
N ILE B 61 20.19 -13.76 -6.61
CA ILE B 61 19.19 -14.81 -6.63
C ILE B 61 17.89 -14.27 -6.06
N ALA B 62 16.79 -14.52 -6.76
CA ALA B 62 15.46 -14.17 -6.29
C ALA B 62 14.79 -15.41 -5.69
N ILE B 63 14.25 -15.26 -4.49
CA ILE B 63 13.60 -16.35 -3.77
C ILE B 63 12.24 -15.87 -3.28
N ALA B 64 11.24 -16.76 -3.32
CA ALA B 64 9.85 -16.41 -3.06
C ALA B 64 9.54 -16.58 -1.57
N CYS B 65 10.06 -15.64 -0.79
CA CYS B 65 9.84 -15.63 0.66
C CYS B 65 10.35 -14.29 1.20
N PRO B 66 9.93 -13.91 2.40
CA PRO B 66 10.41 -12.62 2.97
C PRO B 66 11.90 -12.64 3.23
N ILE B 67 12.58 -11.61 2.75
CA ILE B 67 14.00 -11.41 3.01
C ILE B 67 14.10 -10.29 4.05
N THR B 68 14.51 -10.65 5.26
CA THR B 68 14.59 -9.69 6.36
C THR B 68 16.01 -9.52 6.88
N GLY B 69 16.70 -10.61 7.20
CA GLY B 69 18.04 -10.58 7.70
C GLY B 69 18.95 -11.50 6.89
N ASP B 70 19.94 -12.07 7.58
CA ASP B 70 20.87 -12.98 6.92
C ASP B 70 20.29 -14.38 6.76
N TRP B 71 19.36 -14.78 7.63
CA TRP B 71 18.83 -16.14 7.60
C TRP B 71 17.61 -16.19 6.69
N VAL B 72 17.67 -17.04 5.68
CA VAL B 72 16.59 -17.21 4.71
C VAL B 72 16.01 -18.61 4.91
N ALA B 73 14.75 -18.68 5.34
CA ALA B 73 14.04 -19.94 5.51
C ALA B 73 12.83 -19.93 4.59
N MET B 74 12.74 -20.91 3.70
CA MET B 74 11.65 -20.98 2.74
C MET B 74 10.41 -21.58 3.39
N THR B 75 9.26 -20.94 3.18
CA THR B 75 8.02 -21.45 3.74
C THR B 75 7.53 -22.67 2.98
N ASN B 76 7.61 -22.64 1.64
CA ASN B 76 7.13 -23.74 0.83
C ASN B 76 8.14 -24.88 0.73
N HIS B 77 9.43 -24.57 0.75
CA HIS B 77 10.50 -25.53 0.60
C HIS B 77 11.23 -25.72 1.92
N THR B 78 12.05 -26.76 1.98
CA THR B 78 12.80 -27.09 3.19
C THR B 78 14.18 -26.46 3.23
N TRP B 79 14.60 -25.78 2.16
CA TRP B 79 15.92 -25.15 2.14
C TRP B 79 15.99 -24.00 3.12
N ALA B 80 17.14 -23.86 3.76
CA ALA B 80 17.39 -22.76 4.69
C ALA B 80 18.89 -22.52 4.76
N PHE B 81 19.31 -21.26 4.64
CA PHE B 81 20.73 -20.95 4.53
C PHE B 81 21.00 -19.54 5.02
N SER B 82 22.27 -19.28 5.30
CA SER B 82 22.76 -17.95 5.63
C SER B 82 23.36 -17.30 4.39
N ILE B 83 23.04 -16.03 4.16
CA ILE B 83 23.50 -15.34 2.96
C ILE B 83 25.01 -15.12 3.01
N ALA B 84 25.50 -14.62 4.14
CA ALA B 84 26.92 -14.31 4.24
C ALA B 84 27.79 -15.55 4.12
N GLU B 85 27.29 -16.70 4.57
CA GLU B 85 28.07 -17.93 4.46
C GLU B 85 28.06 -18.48 3.04
N MET B 86 26.94 -18.37 2.32
CA MET B 86 26.90 -18.83 0.93
C MET B 86 27.82 -18.01 0.05
N LYS B 87 27.84 -16.68 0.25
CA LYS B 87 28.73 -15.82 -0.52
C LYS B 87 30.19 -16.19 -0.28
N LYS B 88 30.56 -16.43 0.99
CA LYS B 88 31.92 -16.85 1.29
C LYS B 88 32.22 -18.23 0.74
N ASN B 89 31.28 -19.17 0.93
CA ASN B 89 31.50 -20.54 0.48
C ASN B 89 31.70 -20.59 -1.03
N LEU B 90 30.88 -19.86 -1.78
CA LEU B 90 31.00 -19.80 -3.23
C LEU B 90 32.11 -18.86 -3.69
N GLY B 91 32.70 -18.08 -2.78
CA GLY B 91 33.76 -17.18 -3.15
C GLY B 91 33.31 -15.95 -3.93
N PHE B 92 32.03 -15.59 -3.83
CA PHE B 92 31.52 -14.45 -4.57
C PHE B 92 31.96 -13.15 -3.92
N SER B 93 32.17 -12.12 -4.76
CA SER B 93 32.41 -10.78 -4.27
C SER B 93 31.13 -10.03 -3.97
N HIS B 94 30.08 -10.25 -4.76
CA HIS B 94 28.74 -9.74 -4.46
C HIS B 94 27.75 -10.89 -4.61
N LEU B 95 26.94 -11.11 -3.58
CA LEU B 95 25.82 -12.04 -3.64
C LEU B 95 24.60 -11.34 -3.08
N GLU B 96 23.64 -11.04 -3.95
CA GLU B 96 22.42 -10.34 -3.57
C GLU B 96 21.26 -11.33 -3.51
N ILE B 97 20.60 -11.39 -2.36
CA ILE B 97 19.42 -12.22 -2.18
C ILE B 97 18.23 -11.29 -2.03
N ILE B 98 17.24 -11.43 -2.91
CA ILE B 98 16.10 -10.53 -2.96
C ILE B 98 14.82 -11.33 -3.10
N ASN B 99 13.71 -10.70 -2.68
CA ASN B 99 12.40 -11.30 -2.85
C ASN B 99 12.04 -11.43 -4.32
N ASP B 100 11.26 -12.46 -4.64
CA ASP B 100 10.97 -12.77 -6.05
C ASP B 100 10.28 -11.60 -6.74
N PHE B 101 9.40 -10.89 -6.04
CA PHE B 101 8.74 -9.77 -6.68
C PHE B 101 9.52 -8.47 -6.59
N THR B 102 10.53 -8.41 -5.71
CA THR B 102 11.54 -7.37 -5.85
C THR B 102 12.22 -7.47 -7.21
N ALA B 103 12.55 -8.70 -7.62
CA ALA B 103 13.18 -8.91 -8.92
C ALA B 103 12.22 -8.62 -10.06
N VAL B 104 10.97 -9.03 -9.95
CA VAL B 104 9.98 -8.77 -10.99
C VAL B 104 9.78 -7.27 -11.17
N SER B 105 9.68 -6.54 -10.05
CA SER B 105 9.56 -5.08 -10.13
C SER B 105 10.76 -4.46 -10.83
N MET B 106 11.94 -5.06 -10.65
CA MET B 106 13.16 -4.55 -11.29
C MET B 106 13.23 -4.89 -12.77
N ALA B 107 12.39 -5.80 -13.25
CA ALA B 107 12.38 -6.15 -14.67
C ALA B 107 11.65 -5.14 -15.53
N ILE B 108 10.82 -4.29 -14.93
CA ILE B 108 9.97 -3.38 -15.72
C ILE B 108 10.80 -2.42 -16.57
N PRO B 109 11.84 -1.77 -16.05
CA PRO B 109 12.64 -0.88 -16.93
C PRO B 109 13.33 -1.61 -18.07
N MET B 110 13.42 -2.94 -18.02
CA MET B 110 14.02 -3.73 -19.09
C MET B 110 13.01 -4.19 -20.13
N LEU B 111 11.71 -4.05 -19.88
CA LEU B 111 10.70 -4.61 -20.76
C LEU B 111 10.45 -3.70 -21.95
N LYS B 112 10.14 -4.33 -23.08
CA LYS B 112 9.73 -3.63 -24.28
C LYS B 112 8.21 -3.68 -24.41
N LYS B 113 7.68 -2.94 -25.38
CA LYS B 113 6.24 -2.93 -25.60
C LYS B 113 5.73 -4.31 -25.97
N GLU B 114 6.57 -5.15 -26.58
CA GLU B 114 6.17 -6.48 -26.99
C GLU B 114 5.95 -7.42 -25.81
N HIS B 115 6.36 -7.05 -24.61
CA HIS B 115 6.20 -7.89 -23.43
C HIS B 115 4.97 -7.55 -22.61
N LEU B 116 4.18 -6.57 -23.03
CA LEU B 116 3.05 -6.08 -22.24
C LEU B 116 1.76 -6.17 -23.04
N ILE B 117 0.67 -6.46 -22.33
CA ILE B 117 -0.68 -6.38 -22.87
C ILE B 117 -1.48 -5.46 -21.97
N GLN B 118 -1.95 -4.34 -22.52
CA GLN B 118 -2.65 -3.34 -21.72
C GLN B 118 -4.09 -3.78 -21.46
N PHE B 119 -4.57 -3.47 -20.24
CA PHE B 119 -5.96 -3.72 -19.84
C PHE B 119 -6.53 -2.40 -19.30
N GLY B 120 -7.02 -1.55 -20.20
CA GLY B 120 -7.59 -0.28 -19.79
C GLY B 120 -6.53 0.75 -19.45
N GLY B 121 -7.01 1.92 -19.02
CA GLY B 121 -6.14 3.04 -18.72
C GLY B 121 -5.67 3.74 -19.98
N ALA B 122 -5.08 4.92 -19.80
CA ALA B 122 -4.58 5.62 -20.97
C ALA B 122 -3.07 5.49 -21.14
N GLU B 123 -2.30 6.05 -20.20
CA GLU B 123 -0.87 6.14 -20.43
C GLU B 123 -0.17 6.43 -19.11
N PRO B 124 1.01 5.87 -18.88
CA PRO B 124 1.70 6.12 -17.61
C PRO B 124 2.16 7.55 -17.50
N VAL B 125 2.27 8.02 -16.25
CA VAL B 125 2.84 9.33 -15.95
C VAL B 125 4.27 9.09 -15.50
N GLU B 126 5.23 9.70 -16.21
CA GLU B 126 6.63 9.48 -15.89
C GLU B 126 6.96 9.99 -14.50
N GLY B 127 7.80 9.25 -13.79
CA GLY B 127 8.23 9.64 -12.47
C GLY B 127 7.26 9.33 -11.36
N LYS B 128 6.10 8.75 -11.66
CA LYS B 128 5.16 8.36 -10.63
C LYS B 128 5.33 6.89 -10.28
N PRO B 129 4.92 6.49 -9.08
CA PRO B 129 5.18 5.12 -8.63
C PRO B 129 4.47 4.07 -9.47
N ILE B 130 4.94 2.83 -9.32
CA ILE B 130 4.45 1.67 -10.06
C ILE B 130 4.19 0.56 -9.07
N ALA B 131 3.08 -0.16 -9.26
CA ALA B 131 2.73 -1.30 -8.43
C ALA B 131 2.76 -2.57 -9.26
N VAL B 132 3.24 -3.66 -8.65
CA VAL B 132 3.37 -4.95 -9.32
C VAL B 132 2.77 -6.02 -8.42
N TYR B 133 1.95 -6.88 -8.99
CA TYR B 133 1.45 -8.04 -8.25
C TYR B 133 1.18 -9.19 -9.22
N GLY B 134 1.12 -10.39 -8.67
CA GLY B 134 0.91 -11.58 -9.46
C GLY B 134 0.32 -12.74 -8.67
N ALA B 135 -0.67 -13.42 -9.26
CA ALA B 135 -1.25 -14.61 -8.67
C ALA B 135 -0.55 -15.82 -9.26
N GLY B 136 0.30 -16.45 -8.46
CA GLY B 136 1.00 -17.66 -8.85
C GLY B 136 0.93 -18.73 -7.79
N THR B 137 2.09 -19.22 -7.34
CA THR B 137 2.12 -20.08 -6.17
C THR B 137 1.50 -19.38 -4.97
N GLY B 138 1.87 -18.12 -4.76
CA GLY B 138 1.22 -17.25 -3.81
C GLY B 138 0.88 -15.91 -4.44
N LEU B 139 0.63 -14.90 -3.61
CA LEU B 139 0.32 -13.55 -4.08
C LEU B 139 1.48 -12.64 -3.68
N GLY B 140 2.31 -12.28 -4.66
CA GLY B 140 3.44 -11.39 -4.42
C GLY B 140 3.10 -9.97 -4.84
N VAL B 141 3.57 -9.01 -4.04
CA VAL B 141 3.33 -7.60 -4.28
C VAL B 141 4.64 -6.85 -4.07
N ALA B 142 4.90 -5.88 -4.94
CA ALA B 142 6.06 -5.00 -4.79
C ALA B 142 5.76 -3.71 -5.52
N HIS B 143 6.49 -2.66 -5.13
CA HIS B 143 6.32 -1.35 -5.74
C HIS B 143 7.67 -0.85 -6.23
N LEU B 144 7.62 0.13 -7.13
CA LEU B 144 8.82 0.64 -7.77
C LEU B 144 8.70 2.14 -7.95
N VAL B 145 9.74 2.86 -7.55
CA VAL B 145 9.77 4.32 -7.63
C VAL B 145 11.12 4.74 -8.21
N HIS B 146 11.09 5.71 -9.11
CA HIS B 146 12.28 6.26 -9.74
C HIS B 146 12.66 7.55 -9.04
N VAL B 147 13.81 7.55 -8.38
CA VAL B 147 14.32 8.72 -7.68
C VAL B 147 15.67 9.07 -8.30
N ASP B 148 15.80 10.32 -8.75
CA ASP B 148 16.99 10.78 -9.47
C ASP B 148 17.27 9.87 -10.66
N LYS B 149 18.33 9.06 -10.57
CA LYS B 149 18.68 8.13 -11.63
C LYS B 149 18.59 6.67 -11.20
N ARG B 150 18.12 6.41 -9.99
CA ARG B 150 18.08 5.06 -9.44
C ARG B 150 16.64 4.53 -9.41
N TRP B 151 16.47 3.29 -9.83
CA TRP B 151 15.20 2.58 -9.67
C TRP B 151 15.19 1.94 -8.28
N VAL B 152 14.19 2.27 -7.48
CA VAL B 152 14.12 1.83 -6.10
C VAL B 152 12.96 0.87 -5.97
N SER B 153 13.26 -0.40 -5.71
CA SER B 153 12.24 -1.40 -5.46
C SER B 153 11.86 -1.38 -3.99
N LEU B 154 10.55 -1.43 -3.73
CA LEU B 154 10.03 -1.46 -2.36
C LEU B 154 9.40 -2.82 -2.09
N PRO B 155 10.07 -3.72 -1.39
CA PRO B 155 9.51 -5.06 -1.17
C PRO B 155 8.40 -5.05 -0.14
N GLY B 156 7.84 -6.21 0.14
CA GLY B 156 6.80 -6.31 1.14
C GLY B 156 6.09 -7.65 1.05
N GLU B 157 5.07 -7.81 1.89
CA GLU B 157 4.26 -9.01 1.94
C GLU B 157 2.80 -8.65 1.74
N GLY B 158 2.53 -7.79 0.73
CA GLY B 158 1.18 -7.30 0.50
C GLY B 158 0.18 -8.37 0.14
N GLY B 159 0.65 -9.57 -0.23
CA GLY B 159 -0.26 -10.66 -0.49
C GLY B 159 -0.98 -11.19 0.72
N HIS B 160 -0.53 -10.83 1.92
CA HIS B 160 -1.08 -11.34 3.17
C HIS B 160 -1.92 -10.33 3.92
N VAL B 161 -2.29 -9.22 3.28
CA VAL B 161 -3.22 -8.27 3.87
C VAL B 161 -4.61 -8.91 3.88
N ASP B 162 -5.53 -8.33 4.65
CA ASP B 162 -6.86 -8.92 4.78
C ASP B 162 -7.62 -8.90 3.46
N PHE B 163 -8.22 -10.03 3.11
CA PHE B 163 -9.12 -10.07 1.97
C PHE B 163 -10.27 -9.10 2.21
N ALA B 164 -10.57 -8.29 1.19
CA ALA B 164 -11.48 -7.15 1.30
C ALA B 164 -12.69 -7.39 0.40
N PRO B 165 -13.66 -8.16 0.87
CA PRO B 165 -14.85 -8.42 0.06
C PRO B 165 -15.71 -7.18 -0.07
N ASN B 166 -16.23 -6.96 -1.27
CA ASN B 166 -17.12 -5.85 -1.55
C ASN B 166 -18.58 -6.30 -1.68
N SER B 167 -18.83 -7.26 -2.57
CA SER B 167 -20.17 -7.72 -2.88
C SER B 167 -20.61 -8.82 -1.92
N GLU B 168 -21.91 -9.17 -2.02
CA GLU B 168 -22.45 -10.25 -1.20
C GLU B 168 -21.81 -11.59 -1.54
N GLU B 169 -21.58 -11.86 -2.81
CA GLU B 169 -20.92 -13.10 -3.20
C GLU B 169 -19.53 -13.19 -2.58
N GLU B 170 -18.77 -12.08 -2.63
CA GLU B 170 -17.44 -12.06 -2.03
C GLU B 170 -17.52 -12.20 -0.51
N ALA B 171 -18.55 -11.60 0.10
CA ALA B 171 -18.73 -11.73 1.55
C ALA B 171 -19.01 -13.17 1.94
N ILE B 172 -19.74 -13.91 1.12
CA ILE B 172 -20.03 -15.32 1.43
C ILE B 172 -18.74 -16.14 1.41
N ILE B 173 -17.81 -15.81 0.52
CA ILE B 173 -16.53 -16.52 0.48
C ILE B 173 -15.75 -16.30 1.78
N LEU B 174 -15.73 -15.06 2.28
CA LEU B 174 -15.02 -14.77 3.52
C LEU B 174 -15.57 -15.60 4.67
N GLU B 175 -16.90 -15.71 4.77
CA GLU B 175 -17.52 -16.43 5.88
C GLU B 175 -17.12 -17.89 5.89
N ILE B 176 -17.13 -18.53 4.71
CA ILE B 176 -16.79 -19.95 4.64
C ILE B 176 -15.30 -20.17 4.88
N LEU B 177 -14.46 -19.26 4.38
CA LEU B 177 -13.02 -19.39 4.61
C LEU B 177 -12.64 -19.03 6.03
N ARG B 178 -13.33 -18.05 6.62
CA ARG B 178 -13.01 -17.62 7.99
C ARG B 178 -13.22 -18.76 8.98
N ALA B 179 -14.27 -19.54 8.80
CA ALA B 179 -14.55 -20.64 9.70
C ALA B 179 -13.58 -21.80 9.54
N GLU B 180 -12.73 -21.78 8.52
CA GLU B 180 -11.73 -22.82 8.33
C GLU B 180 -10.38 -22.48 8.96
N ILE B 181 -9.88 -21.28 8.71
CA ILE B 181 -8.49 -20.96 9.00
C ILE B 181 -8.36 -19.72 9.86
N GLY B 182 -9.45 -19.00 10.06
CA GLY B 182 -9.40 -17.76 10.83
C GLY B 182 -9.19 -16.54 9.93
N HIS B 183 -7.99 -15.96 9.98
CA HIS B 183 -7.66 -14.83 9.13
C HIS B 183 -7.65 -15.26 7.66
N VAL B 184 -8.33 -14.48 6.83
CA VAL B 184 -8.37 -14.72 5.39
C VAL B 184 -7.60 -13.60 4.71
N SER B 185 -6.43 -13.93 4.19
CA SER B 185 -5.61 -12.98 3.45
C SER B 185 -5.98 -13.03 1.97
N ALA B 186 -5.50 -12.00 1.23
CA ALA B 186 -5.82 -11.93 -0.19
C ALA B 186 -5.20 -13.08 -0.97
N GLU B 187 -4.11 -13.65 -0.47
CA GLU B 187 -3.49 -14.79 -1.13
C GLU B 187 -4.40 -16.01 -1.11
N ARG B 188 -5.24 -16.14 -0.09
CA ARG B 188 -6.14 -17.28 0.00
C ARG B 188 -7.17 -17.31 -1.12
N VAL B 189 -7.28 -16.24 -1.91
CA VAL B 189 -8.23 -16.21 -3.02
C VAL B 189 -7.51 -15.85 -4.32
N LEU B 190 -6.46 -15.03 -4.23
CA LEU B 190 -5.70 -14.58 -5.40
C LEU B 190 -4.42 -15.40 -5.55
N SER B 191 -4.57 -16.68 -5.84
CA SER B 191 -3.41 -17.54 -6.07
C SER B 191 -3.90 -18.86 -6.68
N GLY B 192 -2.94 -19.74 -6.98
CA GLY B 192 -3.25 -21.06 -7.48
C GLY B 192 -4.10 -21.85 -6.51
N PRO B 193 -3.61 -22.03 -5.28
CA PRO B 193 -4.48 -22.57 -4.22
C PRO B 193 -5.70 -21.70 -3.95
N GLY B 194 -5.58 -20.39 -4.16
CA GLY B 194 -6.72 -19.51 -3.97
C GLY B 194 -7.86 -19.81 -4.93
N LEU B 195 -7.53 -20.20 -6.16
CA LEU B 195 -8.57 -20.58 -7.11
C LEU B 195 -9.31 -21.82 -6.63
N VAL B 196 -8.59 -22.74 -5.99
CA VAL B 196 -9.23 -23.91 -5.39
C VAL B 196 -10.15 -23.49 -4.25
N ASN B 197 -9.70 -22.55 -3.42
CA ASN B 197 -10.53 -22.09 -2.30
C ASN B 197 -11.83 -21.48 -2.80
N LEU B 198 -11.76 -20.68 -3.87
CA LEU B 198 -12.97 -20.09 -4.43
C LEU B 198 -13.97 -21.16 -4.87
N TYR B 199 -13.48 -22.20 -5.55
CA TYR B 199 -14.36 -23.26 -5.99
C TYR B 199 -14.97 -24.01 -4.81
N ARG B 200 -14.14 -24.31 -3.80
CA ARG B 200 -14.64 -25.07 -2.65
C ARG B 200 -15.73 -24.30 -1.91
N ALA B 201 -15.50 -23.01 -1.66
CA ALA B 201 -16.46 -22.21 -0.92
C ALA B 201 -17.77 -22.05 -1.69
N ILE B 202 -17.69 -21.88 -3.01
CA ILE B 202 -18.89 -21.72 -3.83
C ILE B 202 -19.72 -23.00 -3.78
N VAL B 203 -19.08 -24.15 -3.74
CA VAL B 203 -19.80 -25.42 -3.62
C VAL B 203 -20.33 -25.61 -2.20
N LYS B 204 -19.51 -25.31 -1.19
CA LYS B 204 -19.97 -25.47 0.20
C LYS B 204 -21.15 -24.57 0.50
N ALA B 205 -21.16 -23.35 -0.08
CA ALA B 205 -22.30 -22.46 0.11
C ALA B 205 -23.58 -23.08 -0.41
N ASP B 206 -23.49 -23.91 -1.45
CA ASP B 206 -24.65 -24.62 -1.98
C ASP B 206 -24.91 -25.94 -1.25
N ASN B 207 -24.36 -26.09 -0.03
CA ASN B 207 -24.56 -27.28 0.79
C ASN B 207 -24.13 -28.55 0.05
N ARG B 208 -23.01 -28.47 -0.66
CA ARG B 208 -22.46 -29.60 -1.40
C ARG B 208 -20.99 -29.76 -1.04
N LEU B 209 -20.48 -30.96 -1.27
CA LEU B 209 -19.06 -31.26 -1.03
C LEU B 209 -18.26 -31.05 -2.30
N PRO B 210 -17.19 -30.26 -2.26
CA PRO B 210 -16.39 -30.02 -3.46
C PRO B 210 -15.59 -31.24 -3.87
N GLU B 211 -15.30 -31.34 -5.17
CA GLU B 211 -14.37 -32.33 -5.65
C GLU B 211 -12.93 -31.92 -5.29
N ASN B 212 -12.04 -32.91 -5.29
CA ASN B 212 -10.62 -32.66 -5.03
C ASN B 212 -9.99 -32.16 -6.33
N LEU B 213 -10.31 -30.91 -6.66
CA LEU B 213 -9.93 -30.32 -7.94
C LEU B 213 -8.63 -29.54 -7.81
N LYS B 214 -7.74 -29.74 -8.77
CA LYS B 214 -6.50 -28.98 -8.85
C LYS B 214 -6.74 -27.67 -9.59
N PRO B 215 -5.86 -26.68 -9.42
CA PRO B 215 -6.07 -25.40 -10.13
C PRO B 215 -6.27 -25.54 -11.63
N LYS B 216 -5.42 -26.33 -12.31
CA LYS B 216 -5.54 -26.47 -13.75
C LYS B 216 -6.89 -27.06 -14.15
N ASP B 217 -7.47 -27.90 -13.28
CA ASP B 217 -8.79 -28.46 -13.58
C ASP B 217 -9.86 -27.37 -13.59
N ILE B 218 -9.83 -26.46 -12.62
CA ILE B 218 -10.88 -25.46 -12.50
C ILE B 218 -10.91 -24.55 -13.71
N THR B 219 -9.75 -24.09 -14.17
CA THR B 219 -9.71 -23.26 -15.37
C THR B 219 -10.22 -24.03 -16.59
N GLU B 220 -9.80 -25.29 -16.75
CA GLU B 220 -10.18 -26.04 -17.94
C GLU B 220 -11.67 -26.33 -17.96
N ARG B 221 -12.27 -26.65 -16.81
CA ARG B 221 -13.70 -26.88 -16.78
C ARG B 221 -14.48 -25.59 -16.97
N ALA B 222 -13.99 -24.48 -16.39
CA ALA B 222 -14.64 -23.19 -16.58
C ALA B 222 -14.51 -22.72 -18.03
N LEU B 223 -13.36 -22.95 -18.66
CA LEU B 223 -13.20 -22.58 -20.06
C LEU B 223 -14.08 -23.41 -20.97
N ALA B 224 -14.34 -24.66 -20.61
CA ALA B 224 -15.20 -25.54 -21.39
C ALA B 224 -16.66 -25.41 -21.02
N ASP B 225 -17.00 -24.60 -20.02
CA ASP B 225 -18.37 -24.44 -19.52
C ASP B 225 -18.98 -25.76 -19.08
N SER B 226 -18.16 -26.73 -18.72
CA SER B 226 -18.62 -28.06 -18.32
C SER B 226 -18.93 -28.14 -16.83
N CYS B 227 -18.79 -27.05 -16.10
CA CYS B 227 -19.06 -27.04 -14.66
C CYS B 227 -19.29 -25.61 -14.21
N THR B 228 -20.50 -25.31 -13.73
CA THR B 228 -20.84 -23.94 -13.34
C THR B 228 -20.08 -23.50 -12.10
N ASP B 229 -19.80 -24.42 -11.16
CA ASP B 229 -19.05 -24.04 -9.97
C ASP B 229 -17.67 -23.52 -10.35
N CYS B 230 -17.00 -24.19 -11.30
CA CYS B 230 -15.72 -23.70 -11.78
C CYS B 230 -15.86 -22.41 -12.57
N ARG B 231 -16.92 -22.30 -13.39
CA ARG B 231 -17.13 -21.09 -14.16
C ARG B 231 -17.33 -19.88 -13.26
N ARG B 232 -18.10 -20.04 -12.19
CA ARG B 232 -18.27 -18.95 -11.24
C ARG B 232 -16.94 -18.60 -10.56
N ALA B 233 -16.19 -19.63 -10.13
CA ALA B 233 -14.92 -19.38 -9.43
C ALA B 233 -13.99 -18.53 -10.29
N LEU B 234 -13.82 -18.91 -11.56
CA LEU B 234 -12.89 -18.18 -12.42
C LEU B 234 -13.31 -16.73 -12.61
N SER B 235 -14.62 -16.50 -12.82
CA SER B 235 -15.10 -15.13 -12.97
C SER B 235 -14.92 -14.34 -11.69
N LEU B 236 -15.23 -14.95 -10.54
CA LEU B 236 -15.00 -14.29 -9.25
C LEU B 236 -13.52 -13.96 -9.06
N PHE B 237 -12.62 -14.84 -9.51
CA PHE B 237 -11.19 -14.58 -9.42
C PHE B 237 -10.80 -13.34 -10.21
N CYS B 238 -11.32 -13.22 -11.44
CA CYS B 238 -10.94 -12.08 -12.28
C CYS B 238 -11.42 -10.77 -11.68
N VAL B 239 -12.60 -10.77 -11.06
CA VAL B 239 -13.11 -9.56 -10.43
C VAL B 239 -12.28 -9.20 -9.21
N ILE B 240 -11.94 -10.19 -8.39
CA ILE B 240 -11.14 -9.92 -7.18
C ILE B 240 -9.75 -9.45 -7.57
N MET B 241 -9.23 -9.91 -8.71
CA MET B 241 -7.93 -9.44 -9.18
CA MET B 241 -7.93 -9.44 -9.17
C MET B 241 -7.96 -7.94 -9.43
N GLY B 242 -9.01 -7.44 -10.07
CA GLY B 242 -9.10 -6.02 -10.33
C GLY B 242 -9.29 -5.19 -9.07
N ARG B 243 -10.10 -5.69 -8.13
CA ARG B 243 -10.31 -4.97 -6.88
C ARG B 243 -9.00 -4.83 -6.12
N PHE B 244 -8.20 -5.90 -6.06
CA PHE B 244 -6.91 -5.84 -5.39
C PHE B 244 -6.00 -4.81 -6.04
N GLY B 245 -5.89 -4.86 -7.37
CA GLY B 245 -5.02 -3.92 -8.06
C GLY B 245 -5.46 -2.48 -7.91
N GLY B 246 -6.77 -2.24 -7.97
CA GLY B 246 -7.28 -0.90 -7.76
C GLY B 246 -6.98 -0.36 -6.37
N ASN B 247 -6.97 -1.23 -5.37
CA ASN B 247 -6.59 -0.81 -4.03
C ASN B 247 -5.12 -0.41 -3.97
N LEU B 248 -4.25 -1.15 -4.67
CA LEU B 248 -2.83 -0.79 -4.71
C LEU B 248 -2.63 0.56 -5.38
N ALA B 249 -3.35 0.81 -6.48
CA ALA B 249 -3.17 2.05 -7.24
C ALA B 249 -3.55 3.26 -6.41
N LEU B 250 -4.67 3.20 -5.70
CA LEU B 250 -5.06 4.28 -4.80
C LEU B 250 -4.03 4.47 -3.70
N ASN B 251 -3.55 3.36 -3.12
CA ASN B 251 -2.73 3.43 -1.91
C ASN B 251 -1.42 4.16 -2.17
N LEU B 252 -0.76 3.85 -3.27
CA LEU B 252 0.55 4.44 -3.57
C LEU B 252 0.52 5.45 -4.69
N GLY B 253 -0.66 5.87 -5.14
CA GLY B 253 -0.75 6.86 -6.20
C GLY B 253 0.00 6.47 -7.45
N THR B 254 -0.15 5.21 -7.88
CA THR B 254 0.71 4.63 -8.90
C THR B 254 0.22 5.01 -10.30
N PHE B 255 0.50 6.27 -10.66
CA PHE B 255 0.20 6.73 -12.00
C PHE B 255 1.23 6.25 -13.03
N GLY B 256 2.32 5.63 -12.59
CA GLY B 256 3.24 4.96 -13.49
C GLY B 256 2.73 3.63 -13.97
N GLY B 257 1.62 3.16 -13.45
CA GLY B 257 0.98 1.96 -13.94
C GLY B 257 0.98 0.84 -12.93
N VAL B 258 0.03 -0.07 -13.09
CA VAL B 258 -0.06 -1.30 -12.31
C VAL B 258 0.30 -2.46 -13.23
N PHE B 259 1.17 -3.34 -12.75
CA PHE B 259 1.70 -4.44 -13.56
C PHE B 259 1.27 -5.77 -12.96
N ILE B 260 0.81 -6.67 -13.81
CA ILE B 260 0.47 -8.03 -13.42
C ILE B 260 1.55 -8.95 -13.97
N ALA B 261 2.34 -9.53 -13.07
CA ALA B 261 3.35 -10.51 -13.46
C ALA B 261 2.63 -11.83 -13.70
N GLY B 262 2.54 -12.22 -14.98
CA GLY B 262 1.78 -13.39 -15.38
C GLY B 262 2.13 -14.67 -14.65
N GLY B 263 1.18 -15.17 -13.87
CA GLY B 263 1.29 -16.45 -13.21
C GLY B 263 0.32 -17.42 -13.85
N ILE B 264 -0.84 -17.64 -13.21
CA ILE B 264 -1.87 -18.47 -13.79
C ILE B 264 -2.72 -17.74 -14.83
N VAL B 265 -2.72 -16.40 -14.82
CA VAL B 265 -3.61 -15.65 -15.72
C VAL B 265 -3.33 -15.95 -17.19
N PRO B 266 -2.08 -15.97 -17.68
CA PRO B 266 -1.86 -16.23 -19.12
C PRO B 266 -2.44 -17.55 -19.59
N ARG B 267 -2.70 -18.51 -18.70
CA ARG B 267 -3.28 -19.78 -19.11
C ARG B 267 -4.75 -19.66 -19.48
N PHE B 268 -5.43 -18.61 -19.05
CA PHE B 268 -6.80 -18.32 -19.46
C PHE B 268 -6.91 -16.88 -19.94
N LEU B 269 -5.98 -16.48 -20.81
CA LEU B 269 -5.83 -15.07 -21.17
C LEU B 269 -7.06 -14.51 -21.87
N GLU B 270 -7.66 -15.30 -22.78
CA GLU B 270 -8.83 -14.81 -23.51
C GLU B 270 -10.01 -14.58 -22.58
N PHE B 271 -10.24 -15.49 -21.63
CA PHE B 271 -11.29 -15.31 -20.63
C PHE B 271 -11.02 -14.05 -19.80
N PHE B 272 -9.76 -13.83 -19.44
CA PHE B 272 -9.40 -12.66 -18.64
C PHE B 272 -9.77 -11.37 -19.37
N LYS B 273 -9.47 -11.29 -20.67
CA LYS B 273 -9.75 -10.07 -21.42
C LYS B 273 -11.24 -9.76 -21.44
N ALA B 274 -12.08 -10.79 -21.51
CA ALA B 274 -13.52 -10.61 -21.55
C ALA B 274 -14.15 -10.57 -20.16
N SER B 275 -13.35 -10.62 -19.11
CA SER B 275 -13.85 -10.69 -17.75
C SER B 275 -14.26 -9.31 -17.24
N GLY B 276 -14.63 -9.26 -15.97
CA GLY B 276 -15.00 -8.02 -15.33
C GLY B 276 -13.84 -7.38 -14.57
N PHE B 277 -12.62 -7.76 -14.94
CA PHE B 277 -11.44 -7.29 -14.23
C PHE B 277 -11.36 -5.77 -14.22
N ARG B 278 -11.47 -5.15 -15.40
CA ARG B 278 -11.28 -3.70 -15.49
C ARG B 278 -12.39 -2.94 -14.79
N ALA B 279 -13.63 -3.46 -14.83
CA ALA B 279 -14.72 -2.82 -14.09
C ALA B 279 -14.45 -2.87 -12.58
N ALA B 280 -13.95 -4.00 -12.09
CA ALA B 280 -13.65 -4.11 -10.66
C ALA B 280 -12.48 -3.23 -10.27
N PHE B 281 -11.50 -3.08 -11.18
CA PHE B 281 -10.36 -2.22 -10.90
C PHE B 281 -10.79 -0.80 -10.58
N GLU B 282 -11.80 -0.31 -11.28
CA GLU B 282 -12.27 1.07 -11.15
C GLU B 282 -13.46 1.22 -10.20
N ASP B 283 -13.93 0.14 -9.57
CA ASP B 283 -15.14 0.19 -8.75
C ASP B 283 -14.80 0.74 -7.37
N LYS B 284 -14.56 2.05 -7.33
CA LYS B 284 -13.99 2.69 -6.14
C LYS B 284 -14.76 3.96 -5.75
N GLY B 285 -16.08 3.94 -5.90
CA GLY B 285 -16.90 5.03 -5.39
C GLY B 285 -16.59 6.36 -6.06
N ARG B 286 -16.38 7.39 -5.23
CA ARG B 286 -16.03 8.71 -5.74
C ARG B 286 -14.65 8.76 -6.39
N PHE B 287 -13.83 7.73 -6.21
CA PHE B 287 -12.47 7.73 -6.73
C PHE B 287 -12.30 6.78 -7.90
N LYS B 288 -13.38 6.52 -8.64
CA LYS B 288 -13.27 5.78 -9.91
C LYS B 288 -12.45 6.63 -10.90
N GLU B 289 -12.71 7.94 -10.94
CA GLU B 289 -12.00 8.82 -11.86
C GLU B 289 -10.54 8.97 -11.51
N TYR B 290 -10.16 8.71 -10.25
CA TYR B 290 -8.76 8.79 -9.84
C TYR B 290 -7.92 7.71 -10.51
N VAL B 291 -8.46 6.49 -10.60
CA VAL B 291 -7.74 5.37 -11.19
C VAL B 291 -8.18 5.07 -12.62
N HIS B 292 -9.10 5.87 -13.17
CA HIS B 292 -9.68 5.56 -14.47
C HIS B 292 -8.62 5.51 -15.57
N ASP B 293 -7.65 6.42 -15.53
CA ASP B 293 -6.66 6.53 -16.59
C ASP B 293 -5.39 5.73 -16.31
N ILE B 294 -5.20 5.22 -15.10
CA ILE B 294 -4.01 4.45 -14.78
C ILE B 294 -3.98 3.19 -15.64
N PRO B 295 -2.94 2.97 -16.42
CA PRO B 295 -2.89 1.75 -17.24
C PRO B 295 -2.59 0.52 -16.39
N VAL B 296 -2.97 -0.64 -16.92
CA VAL B 296 -2.67 -1.92 -16.33
C VAL B 296 -2.01 -2.78 -17.40
N TYR B 297 -0.89 -3.42 -17.05
CA TYR B 297 -0.13 -4.23 -17.99
C TYR B 297 0.06 -5.63 -17.44
N LEU B 298 -0.13 -6.62 -18.31
CA LEU B 298 0.27 -7.99 -18.03
C LEU B 298 1.64 -8.24 -18.65
N ILE B 299 2.55 -8.80 -17.86
CA ILE B 299 3.90 -9.09 -18.32
C ILE B 299 3.88 -10.49 -18.94
N VAL B 300 4.02 -10.57 -20.26
CA VAL B 300 4.09 -11.85 -20.95
C VAL B 300 5.53 -12.27 -21.22
N HIS B 301 6.50 -11.56 -20.63
CA HIS B 301 7.88 -12.03 -20.66
C HIS B 301 7.98 -13.36 -19.94
N ASP B 302 8.67 -14.33 -20.57
CA ASP B 302 8.71 -15.68 -20.03
C ASP B 302 9.58 -15.79 -18.78
N ASN B 303 10.40 -14.79 -18.47
CA ASN B 303 11.25 -14.87 -17.28
C ASN B 303 11.56 -13.50 -16.70
N PRO B 304 10.56 -12.75 -16.24
CA PRO B 304 10.86 -11.44 -15.63
C PRO B 304 11.73 -11.53 -14.39
N GLY B 305 11.64 -12.62 -13.64
CA GLY B 305 12.45 -12.74 -12.42
C GLY B 305 13.94 -12.77 -12.71
N LEU B 306 14.34 -13.57 -13.71
CA LEU B 306 15.75 -13.60 -14.09
C LEU B 306 16.20 -12.26 -14.66
N LEU B 307 15.37 -11.66 -15.52
CA LEU B 307 15.73 -10.38 -16.12
C LEU B 307 15.89 -9.30 -15.06
N GLY B 308 14.98 -9.26 -14.08
CA GLY B 308 15.05 -8.26 -13.04
C GLY B 308 16.11 -8.51 -12.00
N SER B 309 16.49 -9.78 -11.79
CA SER B 309 17.63 -10.07 -10.93
C SER B 309 18.91 -9.47 -11.50
N GLY B 310 19.12 -9.62 -12.81
CA GLY B 310 20.28 -9.01 -13.43
C GLY B 310 20.26 -7.49 -13.34
N ALA B 311 19.10 -6.89 -13.56
CA ALA B 311 18.99 -5.44 -13.45
C ALA B 311 19.28 -4.96 -12.03
N HIS B 312 18.76 -5.66 -11.02
CA HIS B 312 19.04 -5.28 -9.64
C HIS B 312 20.52 -5.37 -9.34
N LEU B 313 21.18 -6.42 -9.84
CA LEU B 313 22.62 -6.58 -9.60
C LEU B 313 23.42 -5.48 -10.31
N ARG B 314 23.09 -5.24 -11.59
CA ARG B 314 23.87 -4.27 -12.36
C ARG B 314 23.76 -2.87 -11.77
N GLN B 315 22.56 -2.48 -11.33
CA GLN B 315 22.42 -1.20 -10.64
C GLN B 315 23.21 -1.21 -9.33
N THR B 316 23.18 -2.33 -8.61
CA THR B 316 23.98 -2.45 -7.39
C THR B 316 25.47 -2.30 -7.71
N LEU B 317 25.90 -2.79 -8.87
CA LEU B 317 27.30 -2.71 -9.26
C LEU B 317 27.67 -1.35 -9.87
N GLY B 318 26.72 -0.46 -10.08
CA GLY B 318 27.00 0.88 -10.56
C GLY B 318 26.55 1.18 -11.99
N HIS B 319 25.83 0.27 -12.63
CA HIS B 319 25.30 0.54 -13.95
C HIS B 319 23.98 1.30 -13.85
N ILE B 320 23.77 2.25 -14.75
CA ILE B 320 22.52 3.00 -14.81
C ILE B 320 21.60 2.33 -15.82
N LEU B 321 20.40 1.98 -15.36
CA LEU B 321 19.41 1.34 -16.23
C LEU B 321 18.61 2.37 -17.00
C2 BGC C . -8.84 12.96 1.03
C3 BGC C . -7.37 12.90 1.10
C4 BGC C . -6.87 13.37 2.43
C5 BGC C . -7.51 12.60 3.57
C6 BGC C . -7.02 13.15 4.89
C1 BGC C . -9.49 12.18 2.17
O1 BGC C . -10.85 12.31 2.12
O2 BGC C . -9.28 12.39 -0.23
O3 BGC C . -6.79 13.72 0.04
O4 BGC C . -5.45 13.20 2.47
O5 BGC C . -8.98 12.62 3.52
O6 BGC C . -7.41 14.49 5.05
P PO4 D . -14.97 6.12 -1.77
O1 PO4 D . -14.55 6.74 -0.47
O2 PO4 D . -15.84 7.08 -2.51
O3 PO4 D . -13.75 5.82 -2.58
O4 PO4 D . -15.73 4.86 -1.53
C2 BGC E . 5.36 -14.88 -0.26
C3 BGC E . 5.99 -13.73 -0.95
C4 BGC E . 6.09 -14.01 -2.41
C5 BGC E . 4.72 -14.31 -3.02
C6 BGC E . 4.88 -14.67 -4.48
C1 BGC E . 3.97 -15.13 -0.82
O1 BGC E . 3.42 -16.20 -0.17
O2 BGC E . 5.28 -14.60 1.16
O3 BGC E . 7.30 -13.48 -0.39
O4 BGC E . 6.64 -12.87 -3.06
O5 BGC E . 4.01 -15.39 -2.30
O6 BGC E . 5.73 -15.77 -4.60
P PO4 F . -1.99 -15.11 6.17
O1 PO4 F . -1.32 -16.18 6.98
O2 PO4 F . -1.29 -13.81 6.40
O3 PO4 F . -1.93 -15.47 4.72
O4 PO4 F . -3.43 -15.00 6.60
#